data_6WKY
#
_entry.id   6WKY
#
_entity_poly.entity_id   1
_entity_poly.type   'polypeptide(L)'
_entity_poly.pdbx_seq_one_letter_code
;QAEILRAYARILEADAKILEAHAEILKAQ
;
_entity_poly.pdbx_strand_id   B,C,D,A,E,F,G,H,I,J,K,L,M,N,O,P,Q,R,S,T,a,b,c,d,e,f,g,h,i,j,k,l,m,n,o,p,q,r,s,t
#
# COMPACT_ATOMS: atom_id res chain seq x y z
N GLN A 1 -22.95 25.38 19.89
CA GLN A 1 -23.52 25.26 18.55
C GLN A 1 -22.54 24.61 17.59
N ALA A 2 -21.30 25.12 17.58
CA ALA A 2 -20.35 24.79 16.54
C ALA A 2 -19.96 23.31 16.56
N GLU A 3 -19.80 22.74 17.74
CA GLU A 3 -19.55 21.31 17.83
C GLU A 3 -20.84 20.50 17.75
N ILE A 4 -21.95 21.09 18.20
CA ILE A 4 -23.22 20.38 18.27
C ILE A 4 -23.70 20.03 16.88
N LEU A 5 -23.51 20.94 15.93
CA LEU A 5 -23.80 20.61 14.55
C LEU A 5 -22.67 19.81 13.93
N ARG A 6 -21.45 19.95 14.47
CA ARG A 6 -20.35 19.11 14.01
C ARG A 6 -20.52 17.68 14.47
N ALA A 7 -21.26 17.46 15.56
CA ALA A 7 -21.46 16.13 16.07
C ALA A 7 -22.28 15.27 15.12
N TYR A 8 -23.27 15.86 14.46
CA TYR A 8 -24.09 15.10 13.52
C TYR A 8 -23.29 14.72 12.29
N ALA A 9 -22.25 15.48 11.98
CA ALA A 9 -21.35 15.12 10.89
C ALA A 9 -20.63 13.81 11.19
N ARG A 10 -20.30 13.58 12.46
CA ARG A 10 -19.78 12.26 12.83
C ARG A 10 -20.89 11.22 12.82
N ILE A 11 -22.13 11.64 13.12
CA ILE A 11 -23.24 10.70 13.16
C ILE A 11 -23.57 10.21 11.74
N LEU A 12 -23.79 11.15 10.83
CA LEU A 12 -24.19 10.78 9.49
C LEU A 12 -23.04 10.18 8.68
N GLU A 13 -21.80 10.33 9.16
CA GLU A 13 -20.65 9.75 8.48
C GLU A 13 -20.74 8.24 8.45
N ALA A 14 -20.99 7.64 9.60
CA ALA A 14 -21.09 6.18 9.68
C ALA A 14 -22.38 5.66 9.05
N ASP A 15 -23.36 6.53 8.82
CA ASP A 15 -24.59 6.10 8.19
C ASP A 15 -24.36 5.69 6.74
N ALA A 16 -23.35 6.28 6.10
CA ALA A 16 -22.96 5.79 4.78
C ALA A 16 -22.30 4.42 4.88
N LYS A 17 -21.54 4.18 5.95
CA LYS A 17 -20.80 2.93 6.09
C LYS A 17 -21.72 1.74 6.30
N ILE A 18 -22.95 1.98 6.75
CA ILE A 18 -23.97 0.94 6.68
C ILE A 18 -24.22 0.57 5.24
N LEU A 19 -24.51 1.57 4.43
CA LEU A 19 -25.16 1.34 3.15
C LEU A 19 -24.19 0.81 2.11
N GLU A 20 -22.97 1.34 2.08
CA GLU A 20 -21.97 0.83 1.15
C GLU A 20 -21.56 -0.60 1.50
N ALA A 21 -21.61 -0.94 2.78
CA ALA A 21 -21.52 -2.34 3.15
C ALA A 21 -22.82 -3.07 2.87
N HIS A 22 -23.97 -2.37 2.93
CA HIS A 22 -25.24 -3.05 2.74
C HIS A 22 -25.48 -3.38 1.28
N ALA A 23 -24.64 -2.84 0.40
CA ALA A 23 -24.58 -3.33 -0.97
C ALA A 23 -23.61 -4.47 -1.14
N GLU A 24 -22.55 -4.51 -0.33
CA GLU A 24 -21.54 -5.55 -0.50
C GLU A 24 -22.08 -6.91 -0.11
N ILE A 25 -23.04 -6.95 0.80
CA ILE A 25 -23.74 -8.20 1.06
C ILE A 25 -24.60 -8.59 -0.13
N LEU A 26 -25.18 -7.62 -0.81
CA LEU A 26 -25.92 -7.89 -2.03
C LEU A 26 -25.00 -8.18 -3.20
N LYS A 27 -23.71 -7.86 -3.07
CA LYS A 27 -22.77 -7.99 -4.17
C LYS A 27 -22.47 -9.44 -4.47
N ALA A 28 -21.90 -10.15 -3.51
CA ALA A 28 -21.58 -11.56 -3.70
C ALA A 28 -22.66 -12.46 -3.15
N GLN A 29 -23.90 -12.02 -3.17
CA GLN A 29 -25.00 -12.81 -2.64
C GLN A 29 -25.35 -13.95 -3.57
CA GLN B 1 28.67 26.66 -0.02
C GLN B 1 27.50 26.15 -0.83
N ALA B 2 27.73 25.10 -1.63
CA ALA B 2 26.65 24.50 -2.41
C ALA B 2 25.64 23.80 -1.50
N GLU B 3 26.09 23.30 -0.35
CA GLU B 3 25.16 22.72 0.60
C GLU B 3 24.37 23.79 1.34
N ILE B 4 24.96 24.98 1.50
CA ILE B 4 24.28 26.08 2.20
C ILE B 4 23.04 26.49 1.44
N LEU B 5 23.14 26.54 0.12
CA LEU B 5 21.96 26.79 -0.68
C LEU B 5 21.08 25.55 -0.75
N ARG B 6 21.68 24.36 -0.61
CA ARG B 6 20.87 23.15 -0.55
C ARG B 6 20.12 23.03 0.76
N ALA B 7 20.66 23.64 1.82
CA ALA B 7 20.04 23.53 3.13
C ALA B 7 18.71 24.26 3.21
N TYR B 8 18.55 25.35 2.47
CA TYR B 8 17.29 26.09 2.51
C TYR B 8 16.17 25.31 1.84
N ALA B 9 16.52 24.39 0.94
CA ALA B 9 15.53 23.50 0.38
C ALA B 9 14.92 22.62 1.47
N ARG B 10 15.75 22.11 2.38
CA ARG B 10 15.23 21.35 3.50
C ARG B 10 14.44 22.24 4.44
N ILE B 11 14.79 23.52 4.52
CA ILE B 11 13.97 24.46 5.27
C ILE B 11 12.65 24.66 4.55
N LEU B 12 12.70 25.02 3.28
CA LEU B 12 11.50 25.40 2.57
C LEU B 12 10.62 24.22 2.22
N GLU B 13 11.14 22.99 2.30
CA GLU B 13 10.29 21.82 2.08
C GLU B 13 9.23 21.72 3.16
N ALA B 14 9.65 21.80 4.42
CA ALA B 14 8.71 21.69 5.53
C ALA B 14 7.78 22.88 5.63
N ASP B 15 8.13 24.01 5.01
CA ASP B 15 7.22 25.14 4.95
C ASP B 15 5.99 24.83 4.12
N ALA B 16 6.11 23.96 3.13
CA ALA B 16 4.94 23.48 2.42
C ALA B 16 4.11 22.57 3.31
N LYS B 17 4.76 21.82 4.19
CA LYS B 17 4.05 20.88 5.04
C LYS B 17 3.21 21.57 6.09
N ILE B 18 3.49 22.83 6.38
CA ILE B 18 2.61 23.61 7.25
C ILE B 18 1.28 23.83 6.55
N LEU B 19 1.34 24.32 5.32
CA LEU B 19 0.21 25.00 4.73
C LEU B 19 -0.89 24.03 4.30
N GLU B 20 -0.52 22.88 3.74
CA GLU B 20 -1.52 21.87 3.45
C GLU B 20 -2.11 21.30 4.73
N ALA B 21 -1.29 21.17 5.77
CA ALA B 21 -1.83 20.85 7.08
C ALA B 21 -2.61 22.03 7.64
N HIS B 22 -2.20 23.25 7.29
CA HIS B 22 -3.00 24.40 7.67
C HIS B 22 -4.26 24.49 6.84
N ALA B 23 -4.34 23.71 5.76
CA ALA B 23 -5.58 23.61 5.00
C ALA B 23 -6.49 22.50 5.49
N GLU B 24 -5.90 21.39 5.95
CA GLU B 24 -6.70 20.24 6.33
C GLU B 24 -7.52 20.51 7.57
N ILE B 25 -7.03 21.39 8.44
CA ILE B 25 -7.79 21.81 9.61
C ILE B 25 -9.03 22.59 9.19
N LEU B 26 -8.95 23.37 8.13
CA LEU B 26 -10.12 24.08 7.66
C LEU B 26 -11.07 23.16 6.91
N LYS B 27 -10.61 21.98 6.49
CA LYS B 27 -11.47 21.11 5.71
C LYS B 27 -12.53 20.46 6.58
N ALA B 28 -12.10 19.78 7.64
CA ALA B 28 -13.04 19.17 8.57
C ALA B 28 -13.48 20.11 9.67
N GLN B 29 -13.36 21.42 9.45
CA GLN B 29 -13.71 22.39 10.46
C GLN B 29 -15.21 22.53 10.61
CA GLN C 1 22.16 -23.41 -22.50
C GLN C 1 20.98 -22.45 -22.56
N ALA C 2 19.76 -23.00 -22.46
CA ALA C 2 18.57 -22.17 -22.45
C ALA C 2 18.50 -21.30 -21.20
N GLU C 3 19.07 -21.77 -20.09
CA GLU C 3 19.19 -20.93 -18.91
C GLU C 3 20.36 -19.97 -19.03
N ILE C 4 21.40 -20.36 -19.76
CA ILE C 4 22.59 -19.54 -19.91
C ILE C 4 22.25 -18.24 -20.61
N LEU C 5 21.45 -18.32 -21.67
CA LEU C 5 20.96 -17.11 -22.29
C LEU C 5 19.90 -16.45 -21.43
N ARG C 6 19.20 -17.23 -20.60
CA ARG C 6 18.22 -16.66 -19.70
C ARG C 6 18.89 -15.96 -18.52
N ALA C 7 20.12 -16.36 -18.19
CA ALA C 7 20.79 -15.81 -17.02
C ALA C 7 21.20 -14.36 -17.22
N TYR C 8 21.42 -13.96 -18.49
CA TYR C 8 21.84 -12.58 -18.74
C TYR C 8 20.71 -11.61 -18.49
N ALA C 9 19.47 -12.10 -18.53
CA ALA C 9 18.33 -11.27 -18.17
C ALA C 9 18.41 -10.82 -16.73
N ARG C 10 18.84 -11.72 -15.84
CA ARG C 10 19.08 -11.31 -14.46
C ARG C 10 20.28 -10.40 -14.35
N ILE C 11 21.26 -10.55 -15.24
CA ILE C 11 22.41 -9.65 -15.26
C ILE C 11 21.99 -8.25 -15.66
N LEU C 12 21.32 -8.14 -16.81
CA LEU C 12 20.98 -6.84 -17.34
C LEU C 12 19.84 -6.19 -16.57
N GLU C 13 19.14 -6.96 -15.73
CA GLU C 13 18.03 -6.39 -14.96
C GLU C 13 18.53 -5.35 -13.99
N ALA C 14 19.54 -5.69 -13.20
CA ALA C 14 20.08 -4.75 -12.23
C ALA C 14 20.88 -3.63 -12.88
N ASP C 15 21.23 -3.77 -14.15
CA ASP C 15 21.92 -2.69 -14.85
C ASP C 15 21.03 -1.50 -15.04
N ALA C 16 19.72 -1.71 -15.12
CA ALA C 16 18.80 -0.59 -15.10
C ALA C 16 18.75 0.04 -13.72
N LYS C 17 18.81 -0.78 -12.67
CA LYS C 17 18.69 -0.28 -11.30
C LYS C 17 19.86 0.59 -10.90
N ILE C 18 21.00 0.46 -11.57
CA ILE C 18 22.05 1.46 -11.45
C ILE C 18 21.53 2.80 -11.94
N LEU C 19 21.02 2.81 -13.17
CA LEU C 19 20.87 4.05 -13.90
C LEU C 19 19.66 4.85 -13.42
N GLU C 20 18.56 4.17 -13.10
CA GLU C 20 17.39 4.88 -12.57
C GLU C 20 17.67 5.42 -11.19
N ALA C 21 18.54 4.76 -10.43
CA ALA C 21 19.09 5.39 -9.24
C ALA C 21 20.13 6.43 -9.58
N HIS C 22 20.85 6.27 -10.69
CA HIS C 22 21.93 7.19 -11.00
C HIS C 22 21.39 8.51 -11.51
N ALA C 23 20.09 8.57 -11.78
CA ALA C 23 19.41 9.84 -11.98
C ALA C 23 18.88 10.41 -10.69
N GLU C 24 18.53 9.55 -9.73
CA GLU C 24 17.94 10.03 -8.48
C GLU C 24 18.95 10.79 -7.65
N ILE C 25 20.23 10.45 -7.79
CA ILE C 25 21.26 11.27 -7.18
C ILE C 25 21.34 12.62 -7.88
N LEU C 26 21.13 12.65 -9.19
CA LEU C 26 21.09 13.92 -9.91
C LEU C 26 19.78 14.66 -9.67
N LYS C 27 18.78 13.97 -9.11
CA LYS C 27 17.46 14.57 -8.95
C LYS C 27 17.46 15.62 -7.86
N ALA C 28 17.78 15.24 -6.64
CA ALA C 28 17.83 16.19 -5.54
C ALA C 28 19.23 16.70 -5.30
N GLN C 29 20.05 16.78 -6.34
CA GLN C 29 21.42 17.22 -6.19
C GLN C 29 21.52 18.72 -5.95
N GLN D 1 -30.52 -25.00 -2.70
CA GLN D 1 -30.11 -24.58 -4.03
C GLN D 1 -29.41 -23.23 -3.98
N ALA D 2 -29.57 -22.52 -2.87
CA ALA D 2 -28.97 -21.21 -2.74
C ALA D 2 -27.46 -21.31 -2.60
N GLU D 3 -27.00 -22.05 -1.59
CA GLU D 3 -25.56 -22.22 -1.41
C GLU D 3 -24.98 -23.24 -2.38
N ILE D 4 -25.81 -24.18 -2.84
CA ILE D 4 -25.33 -25.30 -3.65
C ILE D 4 -24.81 -24.80 -4.98
N LEU D 5 -25.46 -23.78 -5.53
CA LEU D 5 -24.94 -23.16 -6.74
C LEU D 5 -23.98 -22.03 -6.40
N ARG D 6 -24.01 -21.54 -5.16
CA ARG D 6 -23.04 -20.52 -4.75
C ARG D 6 -21.66 -21.12 -4.63
N ALA D 7 -21.57 -22.40 -4.27
CA ALA D 7 -20.29 -23.03 -4.01
C ALA D 7 -19.47 -23.20 -5.27
N TYR D 8 -20.12 -23.35 -6.43
CA TYR D 8 -19.38 -23.51 -7.67
C TYR D 8 -18.66 -22.23 -8.06
N ALA D 9 -19.16 -21.09 -7.59
CA ALA D 9 -18.44 -19.84 -7.77
C ALA D 9 -17.12 -19.87 -7.03
N ARG D 10 -17.11 -20.40 -5.80
CA ARG D 10 -15.86 -20.56 -5.08
C ARG D 10 -14.96 -21.59 -5.74
N ILE D 11 -15.56 -22.58 -6.41
CA ILE D 11 -14.77 -23.49 -7.22
C ILE D 11 -14.21 -22.75 -8.42
N LEU D 12 -15.07 -22.07 -9.17
CA LEU D 12 -14.65 -21.48 -10.42
C LEU D 12 -13.81 -20.23 -10.23
N GLU D 13 -13.83 -19.63 -9.03
CA GLU D 13 -12.97 -18.48 -8.77
C GLU D 13 -11.51 -18.87 -8.83
N ALA D 14 -11.14 -19.95 -8.15
CA ALA D 14 -9.75 -20.39 -8.14
C ALA D 14 -9.31 -20.95 -9.48
N ASP D 15 -10.25 -21.33 -10.34
CA ASP D 15 -9.89 -21.76 -11.68
C ASP D 15 -9.33 -20.62 -12.50
N ALA D 16 -9.75 -19.38 -12.21
CA ALA D 16 -9.09 -18.23 -12.84
C ALA D 16 -7.68 -18.04 -12.28
N LYS D 17 -7.48 -18.39 -11.02
CA LYS D 17 -6.18 -18.20 -10.40
C LYS D 17 -5.13 -19.15 -10.95
N ILE D 18 -5.56 -20.25 -11.56
CA ILE D 18 -4.62 -21.12 -12.24
C ILE D 18 -4.04 -20.40 -13.45
N LEU D 19 -4.92 -19.84 -14.28
CA LEU D 19 -4.57 -19.55 -15.65
C LEU D 19 -3.68 -18.31 -15.76
N GLU D 20 -3.94 -17.29 -14.97
CA GLU D 20 -3.04 -16.15 -14.94
C GLU D 20 -1.69 -16.53 -14.34
N ALA D 21 -1.71 -17.42 -13.35
CA ALA D 21 -0.46 -18.00 -12.88
C ALA D 21 0.11 -18.94 -13.93
N HIS D 22 -0.76 -19.59 -14.70
CA HIS D 22 -0.27 -20.38 -15.83
C HIS D 22 0.20 -19.48 -16.96
N ALA D 23 -0.12 -18.19 -16.90
CA ALA D 23 0.42 -17.22 -17.84
C ALA D 23 1.71 -16.59 -17.35
N GLU D 24 1.84 -16.36 -16.04
CA GLU D 24 2.98 -15.64 -15.52
C GLU D 24 4.26 -16.46 -15.67
N ILE D 25 4.12 -17.79 -15.65
CA ILE D 25 5.26 -18.65 -15.88
C ILE D 25 5.78 -18.49 -17.30
N LEU D 26 4.90 -18.27 -18.27
CA LEU D 26 5.35 -18.07 -19.63
C LEU D 26 5.89 -16.66 -19.84
N LYS D 27 5.61 -15.73 -18.92
CA LYS D 27 6.09 -14.37 -19.10
C LYS D 27 7.58 -14.27 -18.87
N ALA D 28 8.04 -14.72 -17.71
CA ALA D 28 9.47 -14.73 -17.41
C ALA D 28 10.15 -16.00 -17.88
N GLN D 29 9.56 -16.71 -18.83
CA GLN D 29 10.11 -17.95 -19.31
C GLN D 29 11.34 -17.73 -20.18
N GLN E 1 -24.43 -22.63 43.48
CA GLN E 1 -24.40 -22.54 42.02
C GLN E 1 -23.13 -21.85 41.53
N ALA E 2 -22.67 -20.86 42.30
CA ALA E 2 -21.56 -20.03 41.85
C ALA E 2 -20.26 -20.82 41.81
N GLU E 3 -20.01 -21.62 42.85
CA GLU E 3 -18.79 -22.42 42.86
C GLU E 3 -18.94 -23.71 42.06
N ILE E 4 -20.17 -24.23 41.99
CA ILE E 4 -20.42 -25.54 41.39
C ILE E 4 -20.11 -25.51 39.91
N LEU E 5 -20.35 -24.38 39.26
CA LEU E 5 -19.95 -24.26 37.87
C LEU E 5 -18.50 -23.82 37.75
N ARG E 6 -17.97 -23.15 38.78
CA ARG E 6 -16.54 -22.86 38.78
C ARG E 6 -15.72 -24.12 38.99
N ALA E 7 -16.30 -25.13 39.63
CA ALA E 7 -15.60 -26.39 39.83
C ALA E 7 -15.36 -27.11 38.52
N TYR E 8 -16.32 -27.04 37.59
CA TYR E 8 -16.15 -27.69 36.30
C TYR E 8 -15.10 -26.98 35.48
N ALA E 9 -14.89 -25.69 35.74
CA ALA E 9 -13.81 -24.97 35.08
C ALA E 9 -12.46 -25.53 35.46
N ARG E 10 -12.29 -25.89 36.73
CA ARG E 10 -11.06 -26.55 37.15
C ARG E 10 -10.96 -27.96 36.57
N ILE E 11 -12.10 -28.60 36.32
CA ILE E 11 -12.09 -29.91 35.67
C ILE E 11 -11.62 -29.77 34.23
N LEU E 12 -12.26 -28.88 33.50
CA LEU E 12 -11.92 -28.72 32.09
C LEU E 12 -10.60 -28.03 31.88
N GLU E 13 -10.06 -27.36 32.91
CA GLU E 13 -8.75 -26.75 32.80
C GLU E 13 -7.68 -27.81 32.60
N ALA E 14 -7.77 -28.91 33.33
CA ALA E 14 -6.80 -29.99 33.18
C ALA E 14 -7.01 -30.79 31.91
N ASP E 15 -8.17 -30.67 31.28
CA ASP E 15 -8.43 -31.45 30.07
C ASP E 15 -7.60 -30.97 28.90
N ALA E 16 -7.16 -29.71 28.94
CA ALA E 16 -6.21 -29.26 27.93
C ALA E 16 -4.86 -29.93 28.10
N LYS E 17 -4.39 -30.07 29.34
CA LYS E 17 -3.07 -30.61 29.61
C LYS E 17 -2.95 -32.08 29.24
N ILE E 18 -4.07 -32.79 29.23
CA ILE E 18 -4.09 -34.11 28.60
C ILE E 18 -3.78 -33.98 27.13
N LEU E 19 -4.39 -33.01 26.48
CA LEU E 19 -4.37 -32.98 25.03
C LEU E 19 -3.19 -32.19 24.49
N GLU E 20 -2.82 -31.08 25.14
CA GLU E 20 -1.71 -30.29 24.62
C GLU E 20 -0.38 -30.99 24.84
N ALA E 21 -0.31 -31.87 25.84
CA ALA E 21 0.85 -32.73 25.95
C ALA E 21 0.74 -33.96 25.07
N HIS E 22 -0.48 -34.31 24.66
CA HIS E 22 -0.67 -35.50 23.83
C HIS E 22 -0.02 -35.33 22.48
N ALA E 23 0.02 -34.10 21.98
CA ALA E 23 0.76 -33.81 20.77
C ALA E 23 2.26 -33.92 20.97
N GLU E 24 2.74 -33.60 22.17
CA GLU E 24 4.17 -33.55 22.41
C GLU E 24 4.81 -34.91 22.34
N ILE E 25 4.09 -35.95 22.80
CA ILE E 25 4.64 -37.29 22.67
C ILE E 25 4.48 -37.78 21.24
N LEU E 26 3.57 -37.19 20.49
CA LEU E 26 3.51 -37.44 19.06
C LEU E 26 4.50 -36.58 18.30
N LYS E 27 5.00 -35.52 18.94
CA LYS E 27 5.85 -34.56 18.25
C LYS E 27 7.24 -35.11 18.02
N ALA E 28 7.90 -35.56 19.08
CA ALA E 28 9.21 -36.16 18.96
C ALA E 28 9.11 -37.69 18.84
N GLN E 29 8.03 -38.19 18.29
CA GLN E 29 7.87 -39.61 18.13
C GLN E 29 8.64 -40.11 16.92
CA GLN F 1 11.56 18.74 50.16
C GLN F 1 11.49 18.02 48.82
N ALA F 2 12.66 17.81 48.20
CA ALA F 2 12.70 17.11 46.93
C ALA F 2 12.34 15.63 47.08
N GLU F 3 12.60 15.05 48.24
CA GLU F 3 12.16 13.68 48.49
C GLU F 3 10.71 13.63 48.92
N ILE F 4 10.21 14.72 49.53
CA ILE F 4 8.83 14.79 49.99
C ILE F 4 7.88 14.68 48.81
N LEU F 5 8.21 15.34 47.72
CA LEU F 5 7.44 15.14 46.50
C LEU F 5 7.79 13.80 45.86
N ARG F 6 9.00 13.31 46.08
CA ARG F 6 9.40 12.04 45.50
C ARG F 6 8.78 10.87 46.25
N ALA F 7 8.48 11.04 47.53
CA ALA F 7 7.96 9.94 48.33
C ALA F 7 6.56 9.53 47.91
N TYR F 8 5.78 10.45 47.35
CA TYR F 8 4.41 10.12 46.95
C TYR F 8 4.40 9.19 45.76
N ALA F 9 5.49 9.18 44.99
CA ALA F 9 5.63 8.19 43.93
C ALA F 9 5.66 6.78 44.51
N ARG F 10 6.38 6.59 45.60
CA ARG F 10 6.38 5.28 46.27
C ARG F 10 5.02 4.98 46.87
N ILE F 11 4.27 6.01 47.25
CA ILE F 11 2.89 5.80 47.65
C ILE F 11 2.05 5.40 46.44
N LEU F 12 2.12 6.20 45.39
CA LEU F 12 1.25 6.00 44.25
C LEU F 12 1.65 4.79 43.41
N GLU F 13 2.88 4.29 43.56
CA GLU F 13 3.28 3.11 42.81
C GLU F 13 2.47 1.90 43.24
N ALA F 14 2.32 1.70 44.55
CA ALA F 14 1.57 0.55 45.05
C ALA F 14 0.08 0.69 44.82
N ASP F 15 -0.41 1.90 44.56
CA ASP F 15 -1.82 2.10 44.30
C ASP F 15 -2.26 1.45 43.00
N ALA F 16 -1.36 1.33 42.03
CA ALA F 16 -1.69 0.60 40.82
C ALA F 16 -1.75 -0.90 41.11
N LYS F 17 -0.93 -1.38 42.04
CA LYS F 17 -0.90 -2.80 42.35
C LYS F 17 -2.17 -3.26 43.04
N ILE F 18 -2.89 -2.35 43.70
CA ILE F 18 -4.20 -2.69 44.22
C ILE F 18 -5.17 -2.99 43.09
N LEU F 19 -5.14 -2.15 42.06
CA LEU F 19 -6.24 -2.13 41.11
C LEU F 19 -6.14 -3.27 40.12
N GLU F 20 -4.93 -3.60 39.65
CA GLU F 20 -4.78 -4.76 38.80
C GLU F 20 -5.04 -6.05 39.56
N ALA F 21 -4.69 -6.08 40.84
CA ALA F 21 -5.09 -7.21 41.66
C ALA F 21 -6.58 -7.16 41.93
N HIS F 22 -7.17 -5.97 41.97
CA HIS F 22 -8.62 -5.88 42.05
C HIS F 22 -9.24 -6.33 40.74
N ALA F 23 -8.49 -6.25 39.65
CA ALA F 23 -8.94 -6.79 38.38
C ALA F 23 -8.68 -8.28 38.25
N GLU F 24 -7.56 -8.76 38.77
CA GLU F 24 -7.17 -10.14 38.52
C GLU F 24 -8.10 -11.12 39.24
N ILE F 25 -8.56 -10.73 40.43
CA ILE F 25 -9.52 -11.57 41.13
C ILE F 25 -10.90 -11.47 40.50
N LEU F 26 -11.13 -10.41 39.72
CA LEU F 26 -12.35 -10.34 38.94
C LEU F 26 -12.26 -11.19 37.68
N LYS F 27 -11.05 -11.54 37.26
CA LYS F 27 -10.89 -12.29 36.01
C LYS F 27 -11.32 -13.72 36.18
N ALA F 28 -10.75 -14.42 37.14
CA ALA F 28 -11.11 -15.80 37.39
C ALA F 28 -12.29 -15.93 38.36
N GLN F 29 -13.09 -14.88 38.50
CA GLN F 29 -14.23 -14.93 39.38
C GLN F 29 -15.37 -15.70 38.74
CA GLN G 1 49.75 -8.83 21.13
C GLN G 1 48.32 -8.90 20.62
N ALA G 2 47.93 -10.07 20.11
CA ALA G 2 46.56 -10.28 19.67
C ALA G 2 45.58 -10.25 20.83
N GLU G 3 46.02 -10.66 22.02
CA GLU G 3 45.19 -10.50 23.20
C GLU G 3 45.27 -9.09 23.75
N ILE G 4 46.39 -8.40 23.51
CA ILE G 4 46.58 -7.04 24.02
C ILE G 4 45.55 -6.11 23.41
N LEU G 5 45.34 -6.21 22.11
CA LEU G 5 44.26 -5.47 21.49
C LEU G 5 42.91 -6.06 21.86
N ARG G 6 42.87 -7.35 22.19
CA ARG G 6 41.61 -7.96 22.59
C ARG G 6 41.24 -7.59 24.01
N ALA G 7 42.23 -7.30 24.86
CA ALA G 7 41.94 -7.02 26.25
C ALA G 7 41.27 -5.66 26.43
N TYR G 8 41.49 -4.74 25.48
CA TYR G 8 40.89 -3.42 25.59
C TYR G 8 39.39 -3.48 25.39
N ALA G 9 38.91 -4.52 24.71
CA ALA G 9 37.48 -4.75 24.59
C ALA G 9 36.86 -4.99 25.96
N ARG G 10 37.53 -5.78 26.80
CA ARG G 10 37.04 -6.02 28.15
C ARG G 10 37.10 -4.75 29.00
N ILE G 11 38.04 -3.85 28.69
CA ILE G 11 38.04 -2.54 29.33
C ILE G 11 36.82 -1.74 28.89
N LEU G 12 36.61 -1.64 27.59
CA LEU G 12 35.50 -0.86 27.08
C LEU G 12 34.17 -1.54 27.27
N GLU G 13 34.17 -2.84 27.55
CA GLU G 13 32.92 -3.54 27.82
C GLU G 13 32.27 -3.02 29.08
N ALA G 14 33.07 -2.79 30.12
CA ALA G 14 32.53 -2.26 31.36
C ALA G 14 32.20 -0.78 31.27
N ASP G 15 32.70 -0.08 30.25
CA ASP G 15 32.45 1.34 30.14
C ASP G 15 31.01 1.63 29.76
N ALA G 16 30.33 0.66 29.16
CA ALA G 16 28.90 0.79 28.95
C ALA G 16 28.14 0.75 30.27
N LYS G 17 28.53 -0.17 31.15
CA LYS G 17 27.81 -0.37 32.41
C LYS G 17 27.93 0.81 33.34
N ILE G 18 29.00 1.60 33.21
CA ILE G 18 29.04 2.89 33.87
C ILE G 18 27.95 3.78 33.34
N LEU G 19 27.76 3.76 32.03
CA LEU G 19 26.92 4.76 31.39
C LEU G 19 25.48 4.30 31.27
N GLU G 20 25.26 3.02 30.96
CA GLU G 20 23.88 2.54 30.79
C GLU G 20 23.17 2.46 32.12
N ALA G 21 23.90 2.32 33.21
CA ALA G 21 23.29 2.44 34.52
C ALA G 21 23.24 3.88 34.99
N HIS G 22 24.04 4.77 34.37
CA HIS G 22 24.06 6.16 34.78
C HIS G 22 22.73 6.83 34.49
N ALA G 23 22.06 6.40 33.42
CA ALA G 23 20.72 6.87 33.14
C ALA G 23 19.71 6.34 34.15
N GLU G 24 19.95 5.15 34.68
CA GLU G 24 18.96 4.53 35.56
C GLU G 24 18.83 5.28 36.86
N ILE G 25 19.93 5.83 37.38
CA ILE G 25 19.82 6.63 38.58
C ILE G 25 19.26 8.01 38.25
N LEU G 26 19.35 8.42 36.99
CA LEU G 26 18.65 9.61 36.54
C LEU G 26 17.21 9.29 36.19
N LYS G 27 16.89 8.02 36.00
CA LYS G 27 15.56 7.62 35.52
C LYS G 27 14.51 7.77 36.61
N ALA G 28 14.74 7.13 37.75
CA ALA G 28 13.85 7.29 38.89
C ALA G 28 14.30 8.41 39.81
N GLN G 29 15.01 9.40 39.27
CA GLN G 29 15.49 10.50 40.09
C GLN G 29 14.36 11.47 40.40
N GLN H 1 13.35 -51.17 13.92
CA GLN H 1 13.53 -50.00 13.06
C GLN H 1 12.87 -48.79 13.68
N ALA H 2 12.27 -48.97 14.85
CA ALA H 2 11.56 -47.87 15.49
C ALA H 2 12.54 -46.87 16.08
N GLU H 3 13.32 -47.29 17.08
CA GLU H 3 14.26 -46.35 17.68
C GLU H 3 15.63 -46.39 17.00
N ILE H 4 15.86 -47.41 16.16
CA ILE H 4 17.14 -47.54 15.46
C ILE H 4 17.37 -46.34 14.56
N LEU H 5 16.31 -45.83 13.97
CA LEU H 5 16.41 -44.59 13.22
C LEU H 5 16.18 -43.39 14.10
N ARG H 6 15.48 -43.56 15.23
CA ARG H 6 15.29 -42.44 16.14
C ARG H 6 16.57 -42.12 16.90
N ALA H 7 17.43 -43.12 17.07
CA ALA H 7 18.69 -42.91 17.78
C ALA H 7 19.62 -41.98 17.02
N TYR H 8 19.56 -42.01 15.69
CA TYR H 8 20.42 -41.13 14.89
C TYR H 8 20.00 -39.69 15.05
N ALA H 9 18.72 -39.45 15.35
CA ALA H 9 18.27 -38.10 15.68
C ALA H 9 18.95 -37.60 16.95
N ARG H 10 19.06 -38.46 17.96
CA ARG H 10 19.78 -38.07 19.17
C ARG H 10 21.26 -37.92 18.89
N ILE H 11 21.79 -38.65 17.91
CA ILE H 11 23.15 -38.40 17.45
C ILE H 11 23.22 -37.05 16.77
N LEU H 12 22.36 -36.83 15.78
CA LEU H 12 22.45 -35.63 14.97
C LEU H 12 22.00 -34.38 15.69
N GLU H 13 21.27 -34.52 16.80
CA GLU H 13 20.85 -33.35 17.55
C GLU H 13 22.06 -32.64 18.15
N ALA H 14 22.97 -33.40 18.73
CA ALA H 14 24.16 -32.80 19.34
C ALA H 14 25.13 -32.25 18.30
N ASP H 15 25.03 -32.71 17.06
CA ASP H 15 25.91 -32.23 16.01
C ASP H 15 25.68 -30.77 15.69
N ALA H 16 24.47 -30.26 15.88
CA ALA H 16 24.25 -28.84 15.74
C ALA H 16 24.89 -28.07 16.86
N LYS H 17 24.92 -28.65 18.06
CA LYS H 17 25.48 -27.97 19.22
C LYS H 17 26.98 -27.81 19.11
N ILE H 18 27.65 -28.66 18.33
CA ILE H 18 29.05 -28.46 18.05
C ILE H 18 29.25 -27.19 17.25
N LEU H 19 28.42 -27.01 16.23
CA LEU H 19 28.72 -26.03 15.20
C LEU H 19 28.41 -24.61 15.65
N GLU H 20 27.31 -24.41 16.37
CA GLU H 20 27.04 -23.09 16.92
C GLU H 20 28.04 -22.74 18.02
N ALA H 21 28.50 -23.73 18.76
CA ALA H 21 29.60 -23.48 19.68
C ALA H 21 30.89 -23.27 18.91
N HIS H 22 31.02 -23.91 17.75
CA HIS H 22 32.15 -23.60 16.89
C HIS H 22 32.02 -22.21 16.31
N ALA H 23 30.80 -21.69 16.24
CA ALA H 23 30.58 -20.32 15.84
C ALA H 23 30.73 -19.33 16.97
N GLU H 24 30.28 -19.71 18.17
CA GLU H 24 30.24 -18.74 19.27
C GLU H 24 31.64 -18.37 19.74
N ILE H 25 32.57 -19.33 19.68
CA ILE H 25 33.94 -19.01 20.03
C ILE H 25 34.61 -18.24 18.91
N LEU H 26 34.06 -18.29 17.71
CA LEU H 26 34.53 -17.44 16.63
C LEU H 26 34.00 -16.03 16.75
N LYS H 27 32.91 -15.85 17.52
CA LYS H 27 32.29 -14.54 17.62
C LYS H 27 33.12 -13.59 18.45
N ALA H 28 33.41 -13.97 19.69
CA ALA H 28 34.24 -13.14 20.55
C ALA H 28 35.71 -13.44 20.40
N GLN H 29 36.12 -14.01 19.26
CA GLN H 29 37.51 -14.34 19.04
C GLN H 29 38.32 -13.07 18.79
N GLN I 1 -26.54 -12.45 39.87
CA GLN I 1 -26.56 -12.50 38.41
C GLN I 1 -25.26 -11.99 37.83
N ALA I 2 -24.59 -11.11 38.57
CA ALA I 2 -23.38 -10.48 38.06
C ALA I 2 -22.24 -11.49 37.96
N GLU I 3 -22.06 -12.31 38.99
CA GLU I 3 -21.01 -13.31 38.95
C GLU I 3 -21.48 -14.61 38.29
N ILE I 4 -22.78 -14.89 38.38
CA ILE I 4 -23.32 -16.16 37.92
C ILE I 4 -23.19 -16.27 36.40
N LEU I 5 -23.44 -15.19 35.69
CA LEU I 5 -23.20 -15.20 34.26
C LEU I 5 -21.73 -14.94 33.97
N ARG I 6 -21.00 -14.37 34.91
CA ARG I 6 -19.56 -14.21 34.72
C ARG I 6 -18.84 -15.54 34.84
N ALA I 7 -19.42 -16.47 35.58
CA ALA I 7 -18.75 -17.76 35.81
C ALA I 7 -18.67 -18.58 34.55
N TYR I 8 -19.62 -18.40 33.62
CA TYR I 8 -19.61 -19.19 32.40
C TYR I 8 -18.48 -18.76 31.48
N ALA I 9 -17.97 -17.54 31.66
CA ALA I 9 -16.81 -17.11 30.92
C ALA I 9 -15.59 -17.93 31.30
N ARG I 10 -15.41 -18.21 32.59
CA ARG I 10 -14.32 -19.07 33.02
C ARG I 10 -14.54 -20.50 32.56
N ILE I 11 -15.79 -20.91 32.39
CA ILE I 11 -16.07 -22.18 31.74
C ILE I 11 -15.69 -22.11 30.27
N LEU I 12 -16.22 -21.12 29.56
CA LEU I 12 -16.09 -21.09 28.11
C LEU I 12 -14.70 -20.72 27.65
N GLU I 13 -13.90 -20.09 28.52
CA GLU I 13 -12.51 -19.80 28.15
C GLU I 13 -11.74 -21.09 27.98
N ALA I 14 -11.86 -22.01 28.93
CA ALA I 14 -11.18 -23.29 28.84
C ALA I 14 -11.75 -24.19 27.76
N ASP I 15 -12.96 -23.90 27.29
CA ASP I 15 -13.51 -24.65 26.17
C ASP I 15 -12.72 -24.39 24.89
N ALA I 16 -12.11 -23.21 24.79
CA ALA I 16 -11.22 -22.96 23.67
C ALA I 16 -9.94 -23.77 23.77
N LYS I 17 -9.42 -23.94 24.99
CA LYS I 17 -8.13 -24.56 25.19
C LYS I 17 -8.14 -26.04 24.84
N ILE I 18 -9.31 -26.67 24.83
CA ILE I 18 -9.44 -27.97 24.19
C ILE I 18 -9.12 -27.85 22.72
N LEU I 19 -9.79 -26.93 22.05
CA LEU I 19 -9.86 -26.97 20.60
C LEU I 19 -8.58 -26.45 19.96
N GLU I 20 -7.99 -25.39 20.52
CA GLU I 20 -6.73 -24.89 19.97
C GLU I 20 -5.61 -25.87 20.21
N ALA I 21 -5.68 -26.66 21.28
CA ALA I 21 -4.77 -27.76 21.42
C ALA I 21 -5.20 -28.96 20.58
N HIS I 22 -6.49 -29.05 20.25
CA HIS I 22 -6.97 -30.19 19.47
C HIS I 22 -6.44 -30.13 18.05
N ALA I 23 -6.09 -28.95 17.57
CA ALA I 23 -5.39 -28.85 16.30
C ALA I 23 -3.95 -29.31 16.41
N GLU I 24 -3.36 -29.18 17.59
CA GLU I 24 -1.93 -29.45 17.72
C GLU I 24 -1.62 -30.93 17.64
N ILE I 25 -2.55 -31.78 18.10
CA ILE I 25 -2.35 -33.21 17.88
C ILE I 25 -2.52 -33.57 16.42
N LEU I 26 -3.30 -32.80 15.67
CA LEU I 26 -3.38 -32.99 14.24
C LEU I 26 -2.27 -32.28 13.51
N LYS I 27 -1.57 -31.37 14.20
CA LYS I 27 -0.55 -30.56 13.55
C LYS I 27 0.69 -31.38 13.24
N ALA I 28 1.27 -32.00 14.25
CA ALA I 28 2.46 -32.83 14.06
C ALA I 28 2.11 -34.30 13.97
N GLN I 29 0.96 -34.62 13.41
CA GLN I 29 0.55 -36.01 13.32
C GLN I 29 1.15 -36.70 12.09
CA GLN J 1 15.83 22.87 40.98
C GLN J 1 15.50 22.10 39.70
N ALA J 2 16.55 21.75 38.95
CA ALA J 2 16.35 20.98 37.73
C ALA J 2 15.87 19.57 38.04
N GLU J 3 16.23 19.03 39.20
CA GLU J 3 15.68 17.75 39.62
C GLU J 3 14.27 17.89 40.18
N ILE J 4 13.96 19.05 40.75
CA ILE J 4 12.64 19.30 41.33
C ILE J 4 11.57 19.25 40.25
N LEU J 5 11.83 19.88 39.11
CA LEU J 5 10.94 19.76 37.99
C LEU J 5 11.04 18.37 37.36
N ARG J 6 12.19 17.72 37.50
CA ARG J 6 12.34 16.36 37.01
C ARG J 6 11.57 15.37 37.88
N ALA J 7 11.41 15.68 39.17
CA ALA J 7 10.80 14.76 40.10
C ALA J 7 9.32 14.53 39.83
N TYR J 8 8.64 15.50 39.22
CA TYR J 8 7.22 15.34 38.96
C TYR J 8 6.97 14.33 37.85
N ALA J 9 7.98 14.06 37.03
CA ALA J 9 7.86 13.02 36.02
C ALA J 9 7.68 11.65 36.67
N ARG J 10 8.43 11.39 37.75
CA ARG J 10 8.25 10.14 38.48
C ARG J 10 6.89 10.11 39.17
N ILE J 11 6.36 11.27 39.56
CA ILE J 11 4.99 11.33 40.05
C ILE J 11 4.02 11.03 38.94
N LEU J 12 4.17 11.73 37.82
CA LEU J 12 3.19 11.62 36.76
C LEU J 12 3.32 10.33 35.98
N GLU J 13 4.46 9.64 36.06
CA GLU J 13 4.57 8.34 35.43
C GLU J 13 3.63 7.35 36.09
N ALA J 14 3.60 7.33 37.42
CA ALA J 14 2.73 6.42 38.14
C ALA J 14 1.26 6.78 38.01
N ASP J 15 0.96 8.02 37.61
CA ASP J 15 -0.43 8.39 37.38
C ASP J 15 -1.01 7.67 36.18
N ALA J 16 -0.18 7.31 35.20
CA ALA J 16 -0.67 6.53 34.08
C ALA J 16 -0.99 5.10 34.51
N LYS J 17 -0.21 4.56 35.44
CA LYS J 17 -0.36 3.17 35.83
C LYS J 17 -1.63 2.92 36.61
N ILE J 18 -2.22 3.96 37.19
CA ILE J 18 -3.55 3.84 37.75
C ILE J 18 -4.55 3.56 36.64
N LEU J 19 -4.50 4.37 35.59
CA LEU J 19 -5.63 4.47 34.69
C LEU J 19 -5.72 3.29 33.74
N GLU J 20 -4.59 2.79 33.25
CA GLU J 20 -4.61 1.63 32.38
C GLU J 20 -5.05 0.38 33.13
N ALA J 21 -4.68 0.28 34.40
CA ALA J 21 -5.25 -0.77 35.23
C ALA J 21 -6.70 -0.47 35.54
N HIS J 22 -7.04 0.81 35.66
CA HIS J 22 -8.42 1.18 35.91
C HIS J 22 -9.28 0.90 34.69
N ALA J 23 -8.65 0.79 33.51
CA ALA J 23 -9.31 0.23 32.34
C ALA J 23 -9.33 -1.29 32.37
N GLU J 24 -8.26 -1.92 32.86
CA GLU J 24 -8.20 -3.38 32.82
C GLU J 24 -9.21 -3.99 33.78
N ILE J 25 -9.59 -3.25 34.82
CA ILE J 25 -10.63 -3.70 35.70
C ILE J 25 -11.99 -3.61 35.04
N LEU J 26 -12.11 -2.82 33.98
CA LEU J 26 -13.36 -2.75 33.24
C LEU J 26 -13.42 -3.84 32.18
N LYS J 27 -12.27 -4.36 31.75
CA LYS J 27 -12.23 -5.26 30.61
C LYS J 27 -12.81 -6.63 30.97
N ALA J 28 -12.28 -7.24 32.02
CA ALA J 28 -12.79 -8.51 32.48
C ALA J 28 -13.94 -8.36 33.47
N GLN J 29 -14.60 -7.22 33.46
CA GLN J 29 -15.68 -6.98 34.39
C GLN J 29 -16.98 -7.60 33.91
CA GLN K 1 46.66 -12.02 11.15
C GLN K 1 45.17 -11.96 10.82
N ALA K 2 44.63 -13.09 10.36
CA ALA K 2 43.20 -13.17 10.05
C ALA K 2 42.34 -13.03 11.29
N GLU K 3 42.88 -13.40 12.46
CA GLU K 3 42.19 -13.11 13.71
C GLU K 3 42.51 -11.71 14.19
N ILE K 4 43.72 -11.22 13.92
CA ILE K 4 44.14 -9.89 14.33
C ILE K 4 43.26 -8.83 13.68
N LEU K 5 42.99 -8.99 12.40
CA LEU K 5 42.07 -8.10 11.72
C LEU K 5 40.64 -8.37 12.16
N ARG K 6 40.36 -9.61 12.61
CA ARG K 6 39.03 -9.92 13.11
C ARG K 6 38.82 -9.36 14.50
N ALA K 7 39.89 -9.18 15.27
CA ALA K 7 39.76 -8.84 16.68
C ALA K 7 39.27 -7.41 16.87
N TYR K 8 39.43 -6.55 15.88
CA TYR K 8 39.01 -5.17 16.02
C TYR K 8 37.50 -5.04 16.02
N ALA K 9 36.81 -6.05 15.51
CA ALA K 9 35.35 -6.07 15.60
C ALA K 9 34.89 -6.12 17.05
N ARG K 10 35.53 -6.94 17.86
CA ARG K 10 35.20 -7.02 19.28
C ARG K 10 35.53 -5.74 20.00
N ILE K 11 36.53 -4.99 19.51
CA ILE K 11 36.72 -3.63 19.96
C ILE K 11 35.56 -2.76 19.49
N LEU K 12 35.29 -2.79 18.20
CA LEU K 12 34.37 -1.82 17.63
C LEU K 12 32.92 -2.11 17.94
N GLU K 13 32.58 -3.34 18.32
CA GLU K 13 31.22 -3.62 18.75
C GLU K 13 30.90 -2.87 20.03
N ALA K 14 31.81 -2.93 21.02
CA ALA K 14 31.59 -2.25 22.28
C ALA K 14 31.68 -0.73 22.15
N ASP K 15 32.25 -0.23 21.06
CA ASP K 15 32.24 1.20 20.81
C ASP K 15 30.84 1.71 20.54
N ALA K 16 29.98 0.85 19.99
CA ALA K 16 28.58 1.23 19.85
C ALA K 16 27.89 1.30 21.20
N LYS K 17 28.22 0.38 22.11
CA LYS K 17 27.50 0.27 23.38
C LYS K 17 27.74 1.47 24.28
N ILE K 18 28.82 2.20 24.07
CA ILE K 18 28.94 3.53 24.64
C ILE K 18 27.84 4.42 24.12
N LEU K 19 27.72 4.49 22.79
CA LEU K 19 26.96 5.57 22.17
C LEU K 19 25.46 5.31 22.25
N GLU K 20 25.03 4.07 22.08
CA GLU K 20 23.60 3.78 22.19
C GLU K 20 23.12 3.91 23.62
N ALA K 21 24.01 3.70 24.59
CA ALA K 21 23.69 4.06 25.95
C ALA K 21 23.88 5.54 26.21
N HIS K 22 24.72 6.20 25.41
CA HIS K 22 24.97 7.62 25.63
C HIS K 22 23.74 8.46 25.30
N ALA K 23 22.86 7.93 24.46
CA ALA K 23 21.58 8.58 24.26
C ALA K 23 20.65 8.38 25.45
N GLU K 24 20.82 7.29 26.18
CA GLU K 24 19.87 6.96 27.22
C GLU K 24 20.01 7.90 28.42
N ILE K 25 21.22 8.39 28.69
CA ILE K 25 21.34 9.40 29.73
C ILE K 25 20.75 10.71 29.28
N LEU K 26 20.72 10.97 27.97
CA LEU K 26 20.03 12.15 27.47
C LEU K 26 18.55 11.89 27.30
N LYS K 27 18.14 10.62 27.33
CA LYS K 27 16.75 10.27 27.07
C LYS K 27 15.86 10.68 28.22
N ALA K 28 16.15 10.18 29.41
CA ALA K 28 15.37 10.52 30.59
C ALA K 28 16.01 11.65 31.38
N GLN K 29 16.71 12.56 30.71
CA GLN K 29 17.38 13.64 31.40
C GLN K 29 16.42 14.76 31.76
N GLN L 1 3.72 -48.43 9.80
CA GLN L 1 3.85 -47.48 8.71
C GLN L 1 3.56 -46.07 9.19
N ALA L 2 2.83 -45.96 10.29
CA ALA L 2 2.48 -44.64 10.81
C ALA L 2 3.70 -43.96 11.43
N GLU L 3 4.27 -44.57 12.46
CA GLU L 3 5.41 -43.96 13.13
C GLU L 3 6.70 -44.12 12.34
N ILE L 4 6.77 -45.15 11.50
CA ILE L 4 8.00 -45.47 10.77
C ILE L 4 8.36 -44.36 9.80
N LEU L 5 7.36 -43.84 9.10
CA LEU L 5 7.60 -42.70 8.24
C LEU L 5 7.54 -41.41 9.03
N ARG L 6 6.95 -41.44 10.23
CA ARG L 6 6.96 -40.25 11.08
C ARG L 6 8.35 -40.01 11.65
N ALA L 7 9.12 -41.07 11.85
CA ALA L 7 10.42 -40.97 12.48
C ALA L 7 11.42 -40.21 11.62
N TYR L 8 11.27 -40.24 10.30
CA TYR L 8 12.21 -39.55 9.43
C TYR L 8 12.04 -38.04 9.55
N ALA L 9 10.86 -37.59 9.97
CA ALA L 9 10.66 -36.17 10.24
C ALA L 9 11.54 -35.71 11.39
N ARG L 10 11.62 -36.51 12.45
CA ARG L 10 12.53 -36.19 13.55
C ARG L 10 13.98 -36.28 13.11
N ILE L 11 14.28 -37.15 12.15
CA ILE L 11 15.60 -37.15 11.55
C ILE L 11 15.82 -35.88 10.76
N LEU L 12 14.89 -35.58 9.86
CA LEU L 12 15.10 -34.47 8.95
C LEU L 12 14.92 -33.12 9.62
N GLU L 13 14.26 -33.07 10.78
CA GLU L 13 14.18 -31.81 11.52
C GLU L 13 15.55 -31.38 11.99
N ALA L 14 16.35 -32.33 12.47
CA ALA L 14 17.69 -32.01 12.94
C ALA L 14 18.63 -31.67 11.80
N ASP L 15 18.30 -32.07 10.57
CA ASP L 15 19.14 -31.72 9.44
C ASP L 15 19.11 -30.24 9.15
N ALA L 16 18.02 -29.56 9.49
CA ALA L 16 17.97 -28.11 9.32
C ALA L 16 18.88 -27.42 10.31
N LYS L 17 18.97 -27.94 11.53
CA LYS L 17 19.72 -27.28 12.59
C LYS L 17 21.21 -27.33 12.35
N ILE L 18 21.68 -28.26 11.53
CA ILE L 18 23.06 -28.21 11.07
C ILE L 18 23.29 -26.98 10.23
N LEU L 19 22.42 -26.77 9.25
CA LEU L 19 22.75 -25.87 8.15
C LEU L 19 22.60 -24.41 8.55
N GLU L 20 21.58 -24.08 9.34
CA GLU L 20 21.44 -22.71 9.82
C GLU L 20 22.57 -22.33 10.77
N ALA L 21 23.05 -23.29 11.56
CA ALA L 21 24.26 -23.03 12.31
C ALA L 21 25.47 -23.02 11.39
N HIS L 22 25.42 -23.81 10.32
CA HIS L 22 26.53 -23.83 9.38
C HIS L 22 26.58 -22.54 8.59
N ALA L 23 25.48 -21.79 8.56
CA ALA L 23 25.49 -20.40 8.11
C ALA L 23 25.93 -19.45 9.18
N GLU L 24 25.54 -19.69 10.44
CA GLU L 24 25.88 -18.76 11.50
C GLU L 24 27.38 -18.76 11.78
N ILE L 25 28.04 -19.88 11.48
CA ILE L 25 29.48 -19.93 11.58
C ILE L 25 30.13 -19.13 10.46
N LEU L 26 29.40 -18.84 9.39
CA LEU L 26 29.94 -18.00 8.34
C LEU L 26 29.67 -16.53 8.61
N LYS L 27 28.69 -16.23 9.46
CA LYS L 27 28.28 -14.84 9.64
C LYS L 27 29.31 -14.06 10.43
N ALA L 28 29.69 -14.55 11.60
CA ALA L 28 30.72 -13.93 12.40
C ALA L 28 32.11 -14.43 12.04
N GLN L 29 32.27 -15.00 10.85
CA GLN L 29 33.54 -15.58 10.45
C GLN L 29 34.53 -14.49 10.08
N GLN M 1 -27.53 -2.37 35.77
CA GLN M 1 -27.69 -2.47 34.33
C GLN M 1 -26.38 -2.20 33.63
N ALA M 2 -25.48 -1.48 34.31
CA ALA M 2 -24.22 -1.11 33.68
C ALA M 2 -23.31 -2.32 33.52
N GLU M 3 -23.06 -3.05 34.61
CA GLU M 3 -22.20 -4.22 34.52
C GLU M 3 -22.95 -5.43 34.00
N ILE M 4 -24.25 -5.49 34.23
CA ILE M 4 -25.05 -6.68 33.88
C ILE M 4 -25.09 -6.87 32.38
N LEU M 5 -25.13 -5.77 31.64
CA LEU M 5 -25.02 -5.88 30.20
C LEU M 5 -23.55 -5.89 29.78
N ARG M 6 -22.66 -5.37 30.63
CA ARG M 6 -21.24 -5.46 30.33
C ARG M 6 -20.73 -6.89 30.46
N ALA M 7 -21.37 -7.69 31.30
CA ALA M 7 -20.90 -9.04 31.57
C ALA M 7 -21.05 -9.94 30.36
N TYR M 8 -22.05 -9.67 29.51
CA TYR M 8 -22.26 -10.53 28.35
C TYR M 8 -21.16 -10.33 27.32
N ALA M 9 -20.48 -9.19 27.36
CA ALA M 9 -19.34 -8.97 26.49
C ALA M 9 -18.23 -9.97 26.79
N ARG M 10 -17.96 -10.20 28.09
CA ARG M 10 -16.98 -11.22 28.46
C ARG M 10 -17.47 -12.61 28.10
N ILE M 11 -18.78 -12.81 28.12
CA ILE M 11 -19.34 -14.08 27.64
C ILE M 11 -19.14 -14.20 26.14
N LEU M 12 -19.56 -13.18 25.41
CA LEU M 12 -19.57 -13.29 23.96
C LEU M 12 -18.19 -13.19 23.35
N GLU M 13 -17.21 -12.64 24.09
CA GLU M 13 -15.85 -12.61 23.58
C GLU M 13 -15.29 -14.01 23.43
N ALA M 14 -15.49 -14.86 24.44
CA ALA M 14 -14.98 -16.22 24.39
C ALA M 14 -15.73 -17.09 23.39
N ASP M 15 -16.92 -16.67 22.95
CA ASP M 15 -17.62 -17.39 21.90
C ASP M 15 -16.88 -17.28 20.58
N ALA M 16 -16.16 -16.19 20.36
CA ALA M 16 -15.33 -16.09 19.19
C ALA M 16 -14.13 -17.03 19.29
N LYS M 17 -13.57 -17.18 20.48
CA LYS M 17 -12.36 -17.98 20.65
C LYS M 17 -12.61 -19.46 20.43
N ILE M 18 -13.86 -19.90 20.53
CA ILE M 18 -14.23 -21.20 20.01
C ILE M 18 -13.99 -21.23 18.51
N LEU M 19 -14.58 -20.27 17.81
CA LEU M 19 -14.77 -20.40 16.37
C LEU M 19 -13.48 -20.12 15.61
N GLU M 20 -12.69 -19.14 16.05
CA GLU M 20 -11.41 -18.89 15.41
C GLU M 20 -10.43 -20.03 15.65
N ALA M 21 -10.58 -20.72 16.78
CA ALA M 21 -9.89 -21.99 16.95
C ALA M 21 -10.58 -23.11 16.20
N HIS M 22 -11.89 -23.02 16.01
CA HIS M 22 -12.61 -24.09 15.33
C HIS M 22 -12.26 -24.12 13.85
N ALA M 23 -11.76 -23.03 13.31
CA ALA M 23 -11.17 -23.08 11.98
C ALA M 23 -9.80 -23.74 12.01
N GLU M 24 -9.07 -23.59 13.10
CA GLU M 24 -7.68 -24.06 13.13
C GLU M 24 -7.61 -25.57 13.17
N ILE M 25 -8.61 -26.22 13.76
CA ILE M 25 -8.64 -27.68 13.71
C ILE M 25 -8.96 -28.16 12.31
N LEU M 26 -9.82 -27.45 11.59
CA LEU M 26 -10.07 -27.79 10.20
C LEU M 26 -8.97 -27.27 9.28
N LYS M 27 -8.08 -26.42 9.81
CA LYS M 27 -7.03 -25.83 8.98
C LYS M 27 -5.99 -26.86 8.58
N ALA M 28 -5.32 -27.45 9.57
CA ALA M 28 -4.34 -28.49 9.31
C ALA M 28 -4.95 -29.88 9.41
N GLN M 29 -6.23 -30.02 9.11
CA GLN M 29 -6.89 -31.30 9.19
C GLN M 29 -6.46 -32.21 8.06
CA GLN N 1 19.90 25.63 31.25
C GLN N 1 19.33 24.85 30.07
N ALA N 2 20.21 24.28 29.25
CA ALA N 2 19.76 23.46 28.13
C ALA N 2 19.09 22.18 28.60
N GLU N 3 19.51 21.65 29.75
CA GLU N 3 18.82 20.51 30.33
C GLU N 3 17.50 20.89 30.97
N ILE N 4 17.39 22.14 31.45
CA ILE N 4 16.16 22.61 32.08
C ILE N 4 15.03 22.60 31.08
N LEU N 5 15.31 23.03 29.86
CA LEU N 5 14.31 22.93 28.81
C LEU N 5 14.15 21.50 28.33
N ARG N 6 15.21 20.69 28.47
CA ARG N 6 15.09 19.27 28.13
C ARG N 6 14.25 18.52 29.14
N ALA N 7 14.24 18.99 30.39
CA ALA N 7 13.52 18.29 31.45
C ALA N 7 12.02 18.36 31.25
N TYR N 8 11.51 19.44 30.64
CA TYR N 8 10.06 19.56 30.45
C TYR N 8 9.56 18.57 29.42
N ALA N 9 10.45 18.12 28.53
CA ALA N 9 10.09 17.07 27.60
C ALA N 9 9.75 15.78 28.34
N ARG N 10 10.54 15.44 29.36
CA ARG N 10 10.23 14.27 30.17
C ARG N 10 8.95 14.50 30.97
N ILE N 11 8.68 15.74 31.36
CA ILE N 11 7.40 16.07 31.97
C ILE N 11 6.27 15.87 30.98
N LEU N 12 6.40 16.48 29.81
CA LEU N 12 5.31 16.44 28.85
C LEU N 12 5.19 15.10 28.16
N GLU N 13 6.23 14.26 28.22
CA GLU N 13 6.10 12.92 27.66
C GLU N 13 5.08 12.11 28.44
N ALA N 14 5.14 12.18 29.77
CA ALA N 14 4.20 11.43 30.59
C ALA N 14 2.79 11.98 30.52
N ASP N 15 2.63 13.23 30.10
CA ASP N 15 1.29 13.77 29.93
C ASP N 15 0.54 13.11 28.80
N ALA N 16 1.26 12.60 27.80
CA ALA N 16 0.60 11.85 26.75
C ALA N 16 0.10 10.51 27.26
N LYS N 17 0.83 9.91 28.19
CA LYS N 17 0.47 8.57 28.67
C LYS N 17 -0.79 8.58 29.52
N ILE N 18 -1.16 9.73 30.07
CA ILE N 18 -2.44 9.84 30.73
C ILE N 18 -3.57 9.71 29.72
N LEU N 19 -3.45 10.44 28.62
CA LEU N 19 -4.60 10.71 27.79
C LEU N 19 -4.95 9.52 26.90
N GLU N 20 -3.95 8.81 26.38
CA GLU N 20 -4.26 7.59 25.65
C GLU N 20 -4.81 6.51 26.56
N ALA N 21 -4.32 6.46 27.81
CA ALA N 21 -4.92 5.58 28.78
C ALA N 21 -6.27 6.09 29.22
N HIS N 22 -6.47 7.42 29.16
CA HIS N 22 -7.78 7.97 29.45
C HIS N 22 -8.79 7.56 28.39
N ALA N 23 -8.32 7.28 27.18
CA ALA N 23 -9.18 6.70 26.17
C ALA N 23 -9.45 5.23 26.40
N GLU N 24 -8.49 4.51 26.99
CA GLU N 24 -8.64 3.07 27.13
C GLU N 24 -9.70 2.72 28.15
N ILE N 25 -9.91 3.59 29.15
CA ILE N 25 -10.99 3.36 30.09
C ILE N 25 -12.34 3.60 29.43
N LEU N 26 -12.37 4.33 28.33
CA LEU N 26 -13.61 4.52 27.61
C LEU N 26 -13.86 3.42 26.59
N LYS N 27 -12.81 2.74 26.14
CA LYS N 27 -12.97 1.78 25.06
C LYS N 27 -13.68 0.53 25.53
N ALA N 28 -13.21 -0.05 26.62
CA ALA N 28 -13.88 -1.20 27.21
C ALA N 28 -14.93 -0.81 28.23
N GLN N 29 -15.42 0.42 28.17
CA GLN N 29 -16.39 0.89 29.14
C GLN N 29 -17.78 0.32 28.85
CA GLN O 1 42.42 -15.32 1.70
C GLN O 1 40.94 -15.05 1.47
N ALA O 2 40.18 -16.13 1.18
CA ALA O 2 38.74 -16.01 0.98
C ALA O 2 38.04 -15.60 2.27
N GLU O 3 38.58 -16.00 3.42
CA GLU O 3 38.04 -15.51 4.68
C GLU O 3 38.59 -14.13 5.03
N ILE O 4 39.84 -13.86 4.62
CA ILE O 4 40.47 -12.56 4.88
C ILE O 4 39.69 -11.45 4.21
N LEU O 5 39.27 -11.68 2.98
CA LEU O 5 38.41 -10.73 2.31
C LEU O 5 37.00 -10.77 2.88
N ARG O 6 36.61 -11.91 3.46
CA ARG O 6 35.29 -12.01 4.08
C ARG O 6 35.25 -11.33 5.43
N ALA O 7 36.38 -11.28 6.13
CA ALA O 7 36.39 -10.83 7.51
C ALA O 7 36.14 -9.34 7.64
N TYR O 8 36.38 -8.58 6.57
CA TYR O 8 36.21 -7.13 6.65
C TYR O 8 34.74 -6.75 6.75
N ALA O 9 33.86 -7.65 6.34
CA ALA O 9 32.43 -7.43 6.52
C ALA O 9 32.07 -7.31 7.99
N ARG O 10 32.63 -8.19 8.83
CA ARG O 10 32.41 -8.09 10.27
C ARG O 10 33.02 -6.82 10.84
N ILE O 11 34.11 -6.34 10.25
CA ILE O 11 34.64 -5.03 10.61
C ILE O 11 33.66 -3.95 10.19
N LEU O 12 33.25 -3.99 8.93
CA LEU O 12 32.47 -2.89 8.38
C LEU O 12 31.04 -2.90 8.85
N GLU O 13 30.54 -4.04 9.34
CA GLU O 13 29.19 -4.07 9.88
C GLU O 13 29.08 -3.21 11.13
N ALA O 14 30.07 -3.31 12.01
CA ALA O 14 30.04 -2.53 13.24
C ALA O 14 30.26 -1.05 13.00
N ASP O 15 30.81 -0.67 11.85
CA ASP O 15 30.93 0.74 11.52
C ASP O 15 29.57 1.38 11.31
N ALA O 16 28.59 0.60 10.87
CA ALA O 16 27.24 1.11 10.78
C ALA O 16 26.64 1.32 12.17
N LYS O 17 26.94 0.41 13.11
CA LYS O 17 26.34 0.46 14.43
C LYS O 17 26.83 1.65 15.23
N ILE O 18 27.99 2.21 14.87
CA ILE O 18 28.35 3.52 15.36
C ILE O 18 27.34 4.54 14.88
N LEU O 19 27.12 4.58 13.58
CA LEU O 19 26.49 5.73 12.95
C LEU O 19 24.99 5.74 13.17
N GLU O 20 24.35 4.56 13.12
CA GLU O 20 22.92 4.50 13.39
C GLU O 20 22.61 4.79 14.84
N ALA O 21 23.56 4.49 15.72
CA ALA O 21 23.45 4.99 17.09
C ALA O 21 23.88 6.44 17.18
N HIS O 22 24.76 6.89 16.29
CA HIS O 22 25.24 8.27 16.35
C HIS O 22 24.13 9.24 15.97
N ALA O 23 23.11 8.79 15.26
CA ALA O 23 21.93 9.60 15.09
C ALA O 23 21.08 9.61 16.34
N GLU O 24 21.08 8.51 17.10
CA GLU O 24 20.17 8.40 18.23
C GLU O 24 20.57 9.32 19.37
N ILE O 25 21.87 9.58 19.52
CA ILE O 25 22.29 10.57 20.50
C ILE O 25 21.89 11.97 20.05
N LEU O 26 21.91 12.24 18.75
CA LEU O 26 21.41 13.51 18.26
C LEU O 26 19.89 13.53 18.18
N LYS O 27 19.25 12.37 18.31
CA LYS O 27 17.80 12.29 18.17
C LYS O 27 17.09 12.93 19.35
N ALA O 28 17.35 12.44 20.55
CA ALA O 28 16.74 13.00 21.74
C ALA O 28 17.65 14.03 22.40
N GLN O 29 18.49 14.69 21.63
CA GLN O 29 19.42 15.66 22.17
C GLN O 29 18.70 16.94 22.57
N GLN P 1 -5.75 -44.42 6.17
CA GLN P 1 -5.56 -43.59 4.99
C GLN P 1 -5.54 -42.12 5.34
N ALA P 2 -6.23 -41.77 6.43
CA ALA P 2 -6.32 -40.37 6.83
C ALA P 2 -4.98 -39.88 7.37
N GLU P 3 -4.43 -40.58 8.36
CA GLU P 3 -3.17 -40.14 8.95
C GLU P 3 -1.97 -40.54 8.10
N ILE P 4 -2.11 -41.62 7.32
CA ILE P 4 -0.99 -42.16 6.56
C ILE P 4 -0.56 -41.17 5.49
N LEU P 5 -1.51 -40.45 4.93
CA LEU P 5 -1.16 -39.39 3.99
C LEU P 5 -0.95 -38.07 4.73
N ARG P 6 -1.43 -37.97 5.96
CA ARG P 6 -1.19 -36.76 6.73
C ARG P 6 0.26 -36.67 7.17
N ALA P 7 0.90 -37.82 7.41
CA ALA P 7 2.25 -37.82 7.92
C ALA P 7 3.26 -37.35 6.88
N TYR P 8 2.97 -37.50 5.60
CA TYR P 8 3.89 -37.06 4.57
C TYR P 8 4.00 -35.55 4.53
N ALA P 9 2.94 -34.86 4.98
CA ALA P 9 3.01 -33.42 5.14
C ALA P 9 4.07 -33.04 6.17
N ARG P 10 4.10 -33.73 7.30
CA ARG P 10 5.14 -33.49 8.30
C ARG P 10 6.51 -33.87 7.78
N ILE P 11 6.58 -34.87 6.91
CA ILE P 11 7.82 -35.17 6.20
C ILE P 11 8.20 -34.02 5.29
N LEU P 12 7.26 -33.61 4.44
CA LEU P 12 7.58 -32.59 3.46
C LEU P 12 7.67 -31.20 4.04
N GLU P 13 7.13 -30.99 5.24
CA GLU P 13 7.28 -29.70 5.90
C GLU P 13 8.74 -29.42 6.23
N ALA P 14 9.44 -30.43 6.74
CA ALA P 14 10.83 -30.26 7.09
C ALA P 14 11.73 -30.12 5.87
N ASP P 15 11.27 -30.58 4.71
CA ASP P 15 12.06 -30.42 3.50
C ASP P 15 12.19 -28.97 3.08
N ALA P 16 11.21 -28.14 3.43
CA ALA P 16 11.32 -26.71 3.17
C ALA P 16 12.38 -26.07 4.05
N LYS P 17 12.53 -26.58 5.27
CA LYS P 17 13.46 -25.98 6.22
C LYS P 17 14.90 -26.25 5.84
N ILE P 18 15.16 -27.28 5.03
CA ILE P 18 16.49 -27.49 4.51
C ILE P 18 16.87 -26.36 3.56
N LEU P 19 15.98 -26.07 2.62
CA LEU P 19 16.37 -25.35 1.43
C LEU P 19 16.58 -23.87 1.69
N GLU P 20 15.72 -23.26 2.51
CA GLU P 20 15.96 -21.87 2.89
C GLU P 20 17.19 -21.75 3.77
N ALA P 21 17.45 -22.76 4.59
CA ALA P 21 18.72 -22.79 5.31
C ALA P 21 19.85 -23.10 4.34
N HIS P 22 19.57 -23.90 3.31
CA HIS P 22 20.57 -24.11 2.27
C HIS P 22 20.78 -22.85 1.45
N ALA P 23 19.81 -21.94 1.48
CA ALA P 23 20.01 -20.60 0.95
C ALA P 23 20.69 -19.66 1.92
N GLU P 24 20.50 -19.86 3.22
CA GLU P 24 21.04 -18.93 4.19
C GLU P 24 22.55 -19.05 4.28
N ILE P 25 23.09 -20.24 3.99
CA ILE P 25 24.53 -20.40 3.93
C ILE P 25 25.11 -19.67 2.72
N LEU P 26 24.30 -19.43 1.71
CA LEU P 26 24.76 -18.71 0.54
C LEU P 26 24.76 -17.20 0.77
N LYS P 27 23.92 -16.72 1.69
CA LYS P 27 23.73 -15.29 1.83
C LYS P 27 24.92 -14.63 2.50
N ALA P 28 25.33 -15.14 3.64
CA ALA P 28 26.51 -14.62 4.32
C ALA P 28 27.78 -15.31 3.87
N GLN P 29 27.78 -15.94 2.70
CA GLN P 29 28.94 -16.66 2.22
C GLN P 29 30.00 -15.70 1.72
N GLN Q 1 -27.06 7.27 31.30
CA GLN Q 1 -27.36 7.03 29.90
C GLN Q 1 -26.10 6.89 29.08
N ALA Q 2 -25.15 7.80 29.32
CA ALA Q 2 -24.00 7.98 28.43
C ALA Q 2 -23.12 6.75 28.41
N GLU Q 3 -22.95 6.09 29.56
CA GLU Q 3 -22.25 4.81 29.56
C GLU Q 3 -23.16 3.67 29.15
N ILE Q 4 -24.46 3.79 29.43
CA ILE Q 4 -25.40 2.72 29.19
C ILE Q 4 -25.55 2.45 27.70
N LEU Q 5 -25.59 3.52 26.91
CA LEU Q 5 -25.59 3.33 25.47
C LEU Q 5 -24.18 3.02 24.97
N ARG Q 6 -23.15 3.42 25.73
CA ARG Q 6 -21.79 3.05 25.35
C ARG Q 6 -21.54 1.58 25.58
N ALA Q 7 -22.26 0.96 26.50
CA ALA Q 7 -22.02 -0.43 26.84
C ALA Q 7 -22.40 -1.37 25.71
N TYR Q 8 -23.43 -1.00 24.94
CA TYR Q 8 -23.86 -1.89 23.86
C TYR Q 8 -22.86 -1.91 22.72
N ALA Q 9 -22.01 -0.88 22.63
CA ALA Q 9 -20.92 -0.91 21.68
C ALA Q 9 -19.96 -2.04 21.99
N ARG Q 10 -19.63 -2.22 23.27
CA ARG Q 10 -18.79 -3.35 23.65
C ARG Q 10 -19.51 -4.67 23.45
N ILE Q 11 -20.84 -4.67 23.54
CA ILE Q 11 -21.61 -5.85 23.15
C ILE Q 11 -21.50 -6.07 21.65
N LEU Q 12 -21.80 -5.04 20.88
CA LEU Q 12 -21.95 -5.23 19.44
C LEU Q 12 -20.62 -5.35 18.73
N GLU Q 13 -19.52 -4.90 19.35
CA GLU Q 13 -18.21 -5.18 18.76
C GLU Q 13 -17.93 -6.67 18.74
N ALA Q 14 -18.30 -7.36 19.82
CA ALA Q 14 -18.07 -8.80 19.89
C ALA Q 14 -18.95 -9.59 18.94
N ASP Q 15 -20.04 -9.00 18.46
CA ASP Q 15 -20.85 -9.69 17.46
C ASP Q 15 -20.14 -9.79 16.13
N ALA Q 16 -19.23 -8.85 15.85
CA ALA Q 16 -18.42 -8.97 14.65
C ALA Q 16 -17.46 -10.15 14.75
N LYS Q 17 -16.81 -10.31 15.90
CA LYS Q 17 -15.78 -11.33 16.06
C LYS Q 17 -16.36 -12.74 15.99
N ILE Q 18 -17.65 -12.90 16.26
CA ILE Q 18 -18.32 -14.13 15.86
C ILE Q 18 -18.24 -14.28 14.36
N LEU Q 19 -18.69 -13.25 13.65
CA LEU Q 19 -19.03 -13.42 12.24
C LEU Q 19 -17.80 -13.41 11.35
N GLU Q 20 -16.81 -12.56 11.66
CA GLU Q 20 -15.60 -12.56 10.85
C GLU Q 20 -14.79 -13.83 11.07
N ALA Q 21 -14.90 -14.42 12.24
CA ALA Q 21 -14.39 -15.78 12.41
C ALA Q 21 -15.31 -16.80 11.78
N HIS Q 22 -16.62 -16.51 11.70
CA HIS Q 22 -17.56 -17.48 11.16
C HIS Q 22 -17.36 -17.66 9.67
N ALA Q 23 -16.71 -16.72 9.00
CA ALA Q 23 -16.28 -16.95 7.64
C ALA Q 23 -15.02 -17.80 7.59
N GLU Q 24 -14.15 -17.66 8.60
CA GLU Q 24 -12.86 -18.33 8.53
C GLU Q 24 -13.00 -19.84 8.69
N ILE Q 25 -14.02 -20.30 9.39
CA ILE Q 25 -14.28 -21.73 9.44
C ILE Q 25 -14.79 -22.21 8.10
N LEU Q 26 -15.58 -21.41 7.39
CA LEU Q 26 -15.98 -21.77 6.05
C LEU Q 26 -14.89 -21.52 5.04
N LYS Q 27 -13.83 -20.80 5.43
CA LYS Q 27 -12.77 -20.46 4.49
C LYS Q 27 -11.93 -21.67 4.13
N ALA Q 28 -11.33 -22.32 5.12
CA ALA Q 28 -10.55 -23.51 4.89
C ALA Q 28 -11.35 -24.77 5.11
N GLN Q 29 -12.66 -24.72 4.90
CA GLN Q 29 -13.51 -25.86 5.12
C GLN Q 29 -13.33 -26.90 4.02
CA GLN R 1 23.54 27.04 21.14
C GLN R 1 22.78 26.31 20.05
N ALA R 2 23.50 25.54 19.24
CA ALA R 2 22.85 24.72 18.22
C ALA R 2 22.01 23.61 18.83
N GLU R 3 22.41 23.12 20.00
CA GLU R 3 21.58 22.17 20.73
C GLU R 3 20.38 22.84 21.37
N ILE R 4 20.53 24.11 21.76
CA ILE R 4 19.45 24.85 22.42
C ILE R 4 18.26 24.97 21.49
N LEU R 5 18.51 25.28 20.23
CA LEU R 5 17.43 25.29 19.26
C LEU R 5 17.03 23.87 18.90
N ARG R 6 17.94 22.91 19.01
CA ARG R 6 17.58 21.52 18.78
C ARG R 6 16.73 20.98 19.92
N ALA R 7 16.92 21.50 21.13
CA ALA R 7 16.19 20.98 22.29
C ALA R 7 14.70 21.28 22.21
N TYR R 8 14.32 22.36 21.55
CA TYR R 8 12.90 22.70 21.47
C TYR R 8 12.16 21.73 20.58
N ALA R 9 12.87 21.08 19.66
CA ALA R 9 12.26 20.04 18.84
C ALA R 9 11.82 18.88 19.70
N ARG R 10 12.63 18.50 20.69
CA ARG R 10 12.21 17.45 21.61
C ARG R 10 11.05 17.91 22.48
N ILE R 11 10.99 19.20 22.77
CA ILE R 11 9.82 19.76 23.46
C ILE R 11 8.61 19.69 22.56
N LEU R 12 8.76 20.19 21.34
CA LEU R 12 7.62 20.30 20.44
C LEU R 12 7.21 18.96 19.85
N GLU R 13 8.08 17.95 19.91
CA GLU R 13 7.70 16.63 19.45
C GLU R 13 6.60 16.05 20.34
N ALA R 14 6.76 16.17 21.65
CA ALA R 14 5.78 15.64 22.59
C ALA R 14 4.47 16.41 22.56
N ASP R 15 4.48 17.64 22.06
CA ASP R 15 3.24 18.40 21.94
C ASP R 15 2.31 17.80 20.91
N ALA R 16 2.86 17.12 19.90
CA ALA R 16 2.00 16.39 18.98
C ALA R 16 1.37 15.19 19.64
N LYS R 17 2.11 14.55 20.56
CA LYS R 17 1.62 13.34 21.20
C LYS R 17 0.48 13.61 22.16
N ILE R 18 0.35 14.85 22.63
CA ILE R 18 -0.81 15.22 23.42
C ILE R 18 -2.06 15.18 22.54
N LEU R 19 -1.97 15.79 21.38
CA LEU R 19 -3.18 16.21 20.67
C LEU R 19 -3.85 15.04 19.96
N GLU R 20 -3.07 14.13 19.38
CA GLU R 20 -3.68 12.92 18.83
C GLU R 20 -4.23 12.04 19.93
N ALA R 21 -3.56 12.02 21.08
CA ALA R 21 -4.16 11.38 22.24
C ALA R 21 -5.33 12.18 22.75
N HIS R 22 -5.30 13.50 22.57
CA HIS R 22 -6.47 14.31 22.87
C HIS R 22 -7.56 14.12 21.83
N ALA R 23 -7.23 13.48 20.71
CA ALA R 23 -8.23 13.11 19.73
C ALA R 23 -8.76 11.70 19.93
N GLU R 24 -7.90 10.78 20.36
CA GLU R 24 -8.32 9.39 20.47
C GLU R 24 -9.32 9.21 21.58
N ILE R 25 -9.25 10.05 22.62
CA ILE R 25 -10.27 10.06 23.64
C ILE R 25 -11.60 10.52 23.08
N LEU R 26 -11.57 11.44 22.13
CA LEU R 26 -12.79 11.90 21.50
C LEU R 26 -13.32 10.89 20.50
N LYS R 27 -12.47 9.96 20.05
CA LYS R 27 -12.89 9.03 19.01
C LYS R 27 -13.82 7.97 19.55
N ALA R 28 -13.38 7.25 20.59
CA ALA R 28 -14.21 6.24 21.21
C ALA R 28 -15.05 6.80 22.34
N GLN R 29 -15.34 8.09 22.31
CA GLN R 29 -16.12 8.72 23.36
C GLN R 29 -17.59 8.36 23.26
CA GLN S 1 36.71 -18.74 -7.04
C GLN S 1 35.33 -18.14 -7.20
N ALA S 2 34.33 -19.02 -7.37
CA ALA S 2 32.95 -18.56 -7.48
C ALA S 2 32.47 -17.93 -6.18
N GLU S 3 32.99 -18.38 -5.04
CA GLU S 3 32.67 -17.73 -3.78
C GLU S 3 33.45 -16.44 -3.60
N ILE S 4 34.66 -16.37 -4.18
CA ILE S 4 35.51 -15.19 -4.04
C ILE S 4 34.85 -13.99 -4.67
N LEU S 5 34.26 -14.17 -5.84
CA LEU S 5 33.48 -13.11 -6.42
C LEU S 5 32.16 -12.94 -5.69
N ARG S 6 31.66 -14.00 -5.06
CA ARG S 6 30.43 -13.89 -4.30
C ARG S 6 30.64 -13.18 -2.99
N ALA S 7 31.85 -13.24 -2.43
CA ALA S 7 32.10 -12.71 -1.10
C ALA S 7 32.10 -11.19 -1.09
N TYR S 8 32.35 -10.56 -2.24
CA TYR S 8 32.40 -9.10 -2.27
C TYR S 8 31.03 -8.49 -2.10
N ALA S 9 29.98 -9.28 -2.37
CA ALA S 9 28.61 -8.83 -2.10
C ALA S 9 28.43 -8.58 -0.62
N ARG S 10 28.92 -9.48 0.23
CA ARG S 10 28.83 -9.27 1.66
C ARG S 10 29.68 -8.09 2.11
N ILE S 11 30.76 -7.80 1.40
CA ILE S 11 31.48 -6.55 1.62
C ILE S 11 30.63 -5.37 1.21
N LEU S 12 30.12 -5.40 -0.02
CA LEU S 12 29.47 -4.23 -0.57
C LEU S 12 28.08 -4.03 -0.01
N GLU S 13 27.47 -5.06 0.56
CA GLU S 13 26.19 -4.87 1.23
C GLU S 13 26.33 -3.95 2.43
N ALA S 14 27.39 -4.13 3.20
CA ALA S 14 27.62 -3.31 4.37
C ALA S 14 28.00 -1.88 4.02
N ASP S 15 28.44 -1.63 2.79
CA ASP S 15 28.73 -0.27 2.38
C ASP S 15 27.47 0.57 2.27
N ALA S 16 26.33 -0.08 2.01
CA ALA S 16 25.07 0.64 2.05
C ALA S 16 24.73 1.05 3.48
N LYS S 17 24.92 0.16 4.44
CA LYS S 17 24.52 0.41 5.82
C LYS S 17 25.33 1.52 6.46
N ILE S 18 26.52 1.79 5.96
CA ILE S 18 27.17 3.05 6.28
C ILE S 18 26.33 4.21 5.80
N LEU S 19 25.96 4.17 4.52
CA LEU S 19 25.48 5.36 3.86
C LEU S 19 24.01 5.63 4.18
N GLU S 20 23.19 4.59 4.26
CA GLU S 20 21.79 4.81 4.60
C GLU S 20 21.62 5.23 6.04
N ALA S 21 22.55 4.85 6.90
CA ALA S 21 22.62 5.47 8.22
C ALA S 21 23.26 6.83 8.17
N HIS S 22 24.15 7.07 7.18
CA HIS S 22 24.85 8.34 7.12
C HIS S 22 23.90 9.47 6.74
N ALA S 23 22.76 9.15 6.15
CA ALA S 23 21.72 10.14 6.01
C ALA S 23 20.96 10.36 7.29
N GLU S 24 20.81 9.32 8.11
CA GLU S 24 19.97 9.42 9.29
C GLU S 24 20.59 10.31 10.35
N ILE S 25 21.92 10.40 10.38
CA ILE S 25 22.55 11.37 11.27
C ILE S 25 22.31 12.78 10.77
N LEU S 26 22.27 12.98 9.46
CA LEU S 26 21.92 14.29 8.93
C LEU S 26 20.43 14.53 8.97
N LYS S 27 19.63 13.48 9.23
CA LYS S 27 18.18 13.62 9.20
C LYS S 27 17.68 14.43 10.39
N ALA S 28 17.96 13.97 11.60
CA ALA S 28 17.58 14.71 12.79
C ALA S 28 18.68 15.59 13.31
N GLN S 29 19.54 16.07 12.42
CA GLN S 29 20.66 16.89 12.82
C GLN S 29 20.22 18.30 13.19
N GLN T 1 -14.86 -39.03 2.83
CA GLN T 1 -14.50 -38.24 1.66
C GLN T 1 -14.32 -36.78 2.01
N ALA T 2 -14.79 -36.40 3.21
CA ALA T 2 -14.65 -35.02 3.63
C ALA T 2 -13.20 -34.69 3.96
N GLU T 3 -12.63 -35.41 4.93
CA GLU T 3 -11.26 -35.15 5.32
C GLU T 3 -10.24 -35.75 4.36
N ILE T 4 -10.63 -36.84 3.68
CA ILE T 4 -9.71 -37.59 2.85
C ILE T 4 -9.22 -36.76 1.69
N LEU T 5 -10.11 -35.97 1.10
CA LEU T 5 -9.70 -35.05 0.07
C LEU T 5 -9.23 -33.74 0.67
N ARG T 6 -9.59 -33.46 1.92
CA ARG T 6 -9.10 -32.27 2.59
C ARG T 6 -7.63 -32.39 2.93
N ALA T 7 -7.19 -33.62 3.23
CA ALA T 7 -5.82 -33.84 3.68
C ALA T 7 -4.81 -33.60 2.57
N TYR T 8 -5.22 -33.74 1.31
CA TYR T 8 -4.29 -33.54 0.21
C TYR T 8 -3.91 -32.07 0.08
N ALA T 9 -4.79 -31.18 0.54
CA ALA T 9 -4.47 -29.76 0.59
C ALA T 9 -3.30 -29.50 1.52
N ARG T 10 -3.27 -30.18 2.67
CA ARG T 10 -2.13 -30.06 3.58
C ARG T 10 -0.88 -30.65 2.97
N ILE T 11 -1.03 -31.68 2.15
CA ILE T 11 0.11 -32.19 1.38
C ILE T 11 0.54 -31.17 0.35
N LEU T 12 -0.41 -30.66 -0.42
CA LEU T 12 -0.06 -29.77 -1.51
C LEU T 12 0.31 -28.38 -1.03
N GLU T 13 -0.07 -28.00 0.20
CA GLU T 13 0.36 -26.72 0.73
C GLU T 13 1.87 -26.68 0.90
N ALA T 14 2.45 -27.77 1.39
CA ALA T 14 3.89 -27.79 1.61
C ALA T 14 4.67 -27.84 0.30
N ASP T 15 4.03 -28.25 -0.81
CA ASP T 15 4.72 -28.28 -2.08
C ASP T 15 5.03 -26.89 -2.59
N ALA T 16 4.24 -25.89 -2.19
CA ALA T 16 4.59 -24.51 -2.51
C ALA T 16 5.83 -24.07 -1.73
N LYS T 17 5.94 -24.51 -0.48
CA LYS T 17 7.03 -24.08 0.37
C LYS T 17 8.37 -24.64 -0.07
N ILE T 18 8.35 -25.75 -0.82
CA ILE T 18 9.59 -26.24 -1.42
C ILE T 18 10.08 -25.25 -2.45
N LEU T 19 9.20 -24.82 -3.34
CA LEU T 19 9.64 -24.25 -4.60
C LEU T 19 10.12 -22.82 -4.45
N GLU T 20 9.43 -22.02 -3.62
CA GLU T 20 9.91 -20.66 -3.37
C GLU T 20 11.22 -20.67 -2.60
N ALA T 21 11.39 -21.64 -1.71
CA ALA T 21 12.70 -21.84 -1.12
C ALA T 21 13.67 -22.37 -2.14
N HIS T 22 13.18 -23.20 -3.07
CA HIS T 22 14.02 -23.66 -4.15
C HIS T 22 14.29 -22.52 -5.14
N ALA T 23 13.47 -21.47 -5.08
CA ALA T 23 13.73 -20.23 -5.79
C ALA T 23 14.61 -19.28 -4.99
N GLU T 24 14.43 -19.21 -3.68
CA GLU T 24 15.21 -18.26 -2.89
C GLU T 24 16.67 -18.63 -2.86
N ILE T 25 16.97 -19.92 -3.03
CA ILE T 25 18.34 -20.37 -3.14
C ILE T 25 18.96 -19.94 -4.45
N LEU T 26 18.14 -19.64 -5.46
CA LEU T 26 18.67 -19.13 -6.70
C LEU T 26 18.89 -17.63 -6.64
N LYS T 27 18.23 -16.95 -5.69
CA LYS T 27 18.26 -15.49 -5.68
C LYS T 27 19.59 -14.98 -5.17
N ALA T 28 20.02 -15.45 -4.02
CA ALA T 28 21.31 -15.06 -3.48
C ALA T 28 22.42 -16.00 -3.91
N GLN T 29 22.22 -16.73 -5.00
CA GLN T 29 23.22 -17.67 -5.48
C GLN T 29 24.38 -16.96 -6.14
N GLN U 1 -25.34 16.60 25.92
CA GLN U 1 -25.80 16.44 24.54
C GLN U 1 -24.67 16.01 23.62
N ALA U 2 -23.57 16.76 23.68
CA ALA U 2 -22.51 16.65 22.69
C ALA U 2 -21.83 15.28 22.73
N GLU U 3 -21.74 14.69 23.92
CA GLU U 3 -21.26 13.32 24.00
C GLU U 3 -22.39 12.33 23.77
N ILE U 4 -23.61 12.68 24.15
CA ILE U 4 -24.74 11.76 24.07
C ILE U 4 -25.06 11.44 22.61
N LEU U 5 -24.98 12.44 21.75
CA LEU U 5 -25.14 12.17 20.34
C LEU U 5 -23.86 11.60 19.74
N ARG U 6 -22.72 11.85 20.38
CA ARG U 6 -21.48 11.21 19.94
C ARG U 6 -21.47 9.74 20.30
N ALA U 7 -22.24 9.35 21.30
CA ALA U 7 -22.26 7.95 21.73
C ALA U 7 -22.86 7.05 20.68
N TYR U 8 -23.86 7.54 19.94
CA TYR U 8 -24.49 6.72 18.92
C TYR U 8 -23.56 6.50 17.75
N ALA U 9 -22.58 7.39 17.56
CA ALA U 9 -21.58 7.17 16.53
C ALA U 9 -20.74 5.94 16.84
N ARG U 10 -20.36 5.75 18.10
CA ARG U 10 -19.65 4.53 18.48
C ARG U 10 -20.58 3.33 18.39
N ILE U 11 -21.88 3.54 18.59
CA ILE U 11 -22.85 2.47 18.37
C ILE U 11 -22.92 2.13 16.89
N LEU U 12 -23.18 3.14 16.06
CA LEU U 12 -23.50 2.88 14.67
C LEU U 12 -22.28 2.48 13.86
N GLU U 13 -21.07 2.77 14.33
CA GLU U 13 -19.89 2.22 13.67
C GLU U 13 -19.88 0.71 13.76
N ALA U 14 -20.23 0.17 14.92
CA ALA U 14 -20.25 -1.28 15.11
C ALA U 14 -21.34 -1.96 14.30
N ASP U 15 -22.37 -1.23 13.89
CA ASP U 15 -23.38 -1.82 13.03
C ASP U 15 -22.82 -2.11 11.65
N ALA U 16 -21.82 -1.33 11.21
CA ALA U 16 -21.18 -1.62 9.94
C ALA U 16 -20.34 -2.88 10.02
N LYS U 17 -19.64 -3.08 11.14
CA LYS U 17 -18.73 -4.21 11.28
C LYS U 17 -19.48 -5.54 11.33
N ILE U 18 -20.76 -5.52 11.68
CA ILE U 18 -21.60 -6.67 11.43
C ILE U 18 -21.68 -6.94 9.94
N LEU U 19 -22.06 -5.91 9.18
CA LEU U 19 -22.52 -6.12 7.83
C LEU U 19 -21.38 -6.39 6.86
N GLU U 20 -20.26 -5.69 7.02
CA GLU U 20 -19.11 -5.94 6.15
C GLU U 20 -18.51 -7.31 6.42
N ALA U 21 -18.62 -7.79 7.65
CA ALA U 21 -18.33 -9.19 7.90
C ALA U 21 -19.46 -10.09 7.46
N HIS U 22 -20.70 -9.58 7.44
CA HIS U 22 -21.83 -10.42 7.05
C HIS U 22 -21.81 -10.70 5.56
N ALA U 23 -21.04 -9.93 4.79
CA ALA U 23 -20.79 -10.29 3.41
C ALA U 23 -19.69 -11.32 3.26
N GLU U 24 -18.70 -11.28 4.16
CA GLU U 24 -17.54 -12.14 4.01
C GLU U 24 -17.91 -13.60 4.24
N ILE U 25 -18.88 -13.87 5.11
CA ILE U 25 -19.40 -15.22 5.24
C ILE U 25 -20.10 -15.67 3.97
N LEU U 26 -20.82 -14.78 3.30
CA LEU U 26 -21.42 -15.14 2.03
C LEU U 26 -20.41 -15.11 0.92
N LYS U 27 -19.24 -14.52 1.15
CA LYS U 27 -18.24 -14.38 0.09
C LYS U 27 -17.55 -15.71 -0.19
N ALA U 28 -16.97 -16.32 0.83
CA ALA U 28 -16.33 -17.61 0.67
C ALA U 28 -17.26 -18.76 1.02
N GLN U 29 -18.56 -18.57 0.82
CA GLN U 29 -19.52 -19.61 1.16
C GLN U 29 -19.54 -20.69 0.09
CA GLN V 1 26.37 27.63 10.81
C GLN V 1 25.49 26.92 9.80
N ALA V 2 26.11 26.03 9.01
CA ALA V 2 25.35 25.24 8.05
C ALA V 2 24.40 24.28 8.74
N GLU V 3 24.76 23.81 9.94
CA GLU V 3 23.84 22.98 10.72
C GLU V 3 22.80 23.83 11.44
N ILE V 4 23.16 25.08 11.76
CA ILE V 4 22.24 25.99 12.46
C ILE V 4 21.00 26.23 11.63
N LEU V 5 21.17 26.46 10.34
CA LEU V 5 20.03 26.60 9.46
C LEU V 5 19.36 25.26 9.21
N ARG V 6 20.11 24.17 9.31
CA ARG V 6 19.50 22.85 9.21
C ARG V 6 18.67 22.51 10.43
N ALA V 7 19.02 23.08 11.58
CA ALA V 7 18.34 22.76 12.82
C ALA V 7 16.91 23.26 12.83
N TYR V 8 16.62 24.39 12.16
CA TYR V 8 15.27 24.92 12.16
C TYR V 8 14.33 24.04 11.37
N ALA V 9 14.87 23.26 10.43
CA ALA V 9 14.06 22.30 9.70
C ALA V 9 13.52 21.23 10.64
N ARG V 10 14.35 20.79 11.60
CA ARG V 10 13.85 19.87 12.61
C ARG V 10 12.84 20.54 13.52
N ILE V 11 13.00 21.84 13.77
CA ILE V 11 11.99 22.59 14.51
C ILE V 11 10.71 22.68 13.70
N LEU V 12 10.83 23.11 12.44
CA LEU V 12 9.65 23.35 11.63
C LEU V 12 8.98 22.06 11.19
N GLU V 13 9.69 20.93 11.23
CA GLU V 13 9.05 19.66 10.91
C GLU V 13 7.98 19.33 11.93
N ALA V 14 8.31 19.44 13.21
CA ALA V 14 7.36 19.13 14.26
C ALA V 14 6.22 20.13 14.35
N ASP V 15 6.39 21.32 13.78
CA ASP V 15 5.29 22.27 13.70
C ASP V 15 4.17 21.77 12.81
N ALA V 16 4.50 20.96 11.80
CA ALA V 16 3.46 20.37 10.98
C ALA V 16 2.71 19.29 11.74
N LYS V 17 3.41 18.57 12.61
CA LYS V 17 2.78 17.48 13.34
C LYS V 17 1.78 17.97 14.37
N ILE V 18 1.88 19.23 14.78
CA ILE V 18 0.82 19.82 15.58
C ILE V 18 -0.46 19.90 14.78
N LEU V 19 -0.36 20.44 13.57
CA LEU V 19 -1.53 20.98 12.90
C LEU V 19 -2.40 19.87 12.31
N GLU V 20 -1.79 18.82 11.75
CA GLU V 20 -2.58 17.69 11.30
C GLU V 20 -3.20 16.95 12.49
N ALA V 21 -2.50 16.90 13.61
CA ALA V 21 -3.12 16.40 14.82
C ALA V 21 -4.14 17.40 15.33
N HIS V 22 -3.90 18.69 15.14
CA HIS V 22 -4.92 19.68 15.45
C HIS V 22 -6.08 19.55 14.49
N ALA V 23 -5.84 19.01 13.29
CA ALA V 23 -6.93 18.72 12.38
C ALA V 23 -7.65 17.45 12.73
N GLU V 24 -6.93 16.42 13.19
CA GLU V 24 -7.56 15.13 13.44
C GLU V 24 -8.49 15.19 14.64
N ILE V 25 -8.23 16.13 15.55
CA ILE V 25 -9.08 16.27 16.72
C ILE V 25 -10.42 16.90 16.34
N LEU V 26 -10.50 17.58 15.21
CA LEU V 26 -11.78 18.07 14.74
C LEU V 26 -12.53 17.04 13.94
N LYS V 27 -11.85 16.01 13.44
CA LYS V 27 -12.50 15.05 12.56
C LYS V 27 -13.46 14.17 13.33
N ALA V 28 -12.99 13.57 14.42
CA ALA V 28 -13.86 12.76 15.27
C ALA V 28 -14.52 13.60 16.35
N GLN V 29 -14.59 14.91 16.18
CA GLN V 29 -15.16 15.77 17.20
C GLN V 29 -16.68 15.73 17.16
CA GLN W 1 29.97 -21.40 -15.15
C GLN W 1 28.67 -20.62 -15.21
N ALA W 2 27.54 -21.35 -15.26
CA ALA W 2 26.24 -20.70 -15.29
C ALA W 2 25.92 -19.98 -14.00
N GLU W 3 26.48 -20.44 -12.88
CA GLU W 3 26.37 -19.70 -11.63
C GLU W 3 27.38 -18.57 -11.56
N ILE W 4 28.56 -18.77 -12.16
CA ILE W 4 29.61 -17.75 -12.18
C ILE W 4 29.11 -16.50 -12.88
N LEU W 5 28.42 -16.70 -14.00
CA LEU W 5 27.81 -15.58 -14.69
C LEU W 5 26.59 -15.09 -13.93
N ARG W 6 25.96 -15.97 -13.15
CA ARG W 6 24.82 -15.56 -12.34
C ARG W 6 25.27 -14.79 -11.10
N ALA W 7 26.50 -15.02 -10.66
CA ALA W 7 26.94 -14.46 -9.38
C ALA W 7 27.14 -12.96 -9.45
N TYR W 8 27.39 -12.42 -10.64
CA TYR W 8 27.66 -10.99 -10.75
C TYR W 8 26.39 -10.17 -10.54
N ALA W 9 25.23 -10.82 -10.69
CA ALA W 9 23.97 -10.15 -10.37
C ALA W 9 23.90 -9.78 -8.90
N ARG W 10 24.32 -10.70 -8.03
CA ARG W 10 24.37 -10.39 -6.60
C ARG W 10 25.41 -9.33 -6.31
N ILE W 11 26.47 -9.26 -7.10
CA ILE W 11 27.41 -8.16 -7.00
C ILE W 11 26.75 -6.87 -7.43
N LEU W 12 26.19 -6.86 -8.64
CA LEU W 12 25.71 -5.63 -9.22
C LEU W 12 24.42 -5.14 -8.59
N GLU W 13 23.69 -6.02 -7.89
CA GLU W 13 22.53 -5.57 -7.13
C GLU W 13 22.95 -4.61 -6.03
N ALA W 14 24.02 -4.96 -5.31
CA ALA W 14 24.49 -4.12 -4.22
C ALA W 14 25.09 -2.82 -4.69
N ASP W 15 25.47 -2.72 -5.97
CA ASP W 15 25.95 -1.44 -6.49
C ASP W 15 24.82 -0.42 -6.57
N ALA W 16 23.59 -0.90 -6.74
CA ALA W 16 22.45 0.02 -6.70
C ALA W 16 22.22 0.53 -5.29
N LYS W 17 22.38 -0.33 -4.29
CA LYS W 17 22.08 0.04 -2.90
C LYS W 17 23.06 1.07 -2.36
N ILE W 18 24.25 1.17 -2.95
CA ILE W 18 25.08 2.34 -2.73
C ILE W 18 24.36 3.58 -3.21
N LEU W 19 23.94 3.56 -4.47
CA LEU W 19 23.59 4.79 -5.15
C LEU W 19 22.23 5.32 -4.73
N GLU W 20 21.25 4.43 -4.52
CA GLU W 20 19.94 4.88 -4.06
C GLU W 20 20.01 5.39 -2.63
N ALA W 21 20.94 4.89 -1.84
CA ALA W 21 21.24 5.53 -0.58
C ALA W 21 22.12 6.76 -0.77
N HIS W 22 22.93 6.79 -1.84
CA HIS W 22 23.81 7.93 -2.05
C HIS W 22 23.03 9.16 -2.46
N ALA W 23 21.78 8.99 -2.87
CA ALA W 23 20.91 10.15 -3.03
C ALA W 23 20.27 10.57 -1.72
N GLU W 24 20.04 9.61 -0.82
CA GLU W 24 19.31 9.92 0.39
C GLU W 24 20.14 10.79 1.33
N ILE W 25 21.46 10.65 1.28
CA ILE W 25 22.31 11.58 1.99
C ILE W 25 22.23 12.99 1.41
N LEU W 26 22.13 13.10 0.09
CA LEU W 26 21.94 14.41 -0.52
C LEU W 26 20.50 14.88 -0.39
N LYS W 27 19.59 13.98 -0.03
CA LYS W 27 18.17 14.32 0.03
C LYS W 27 17.87 15.21 1.22
N ALA W 28 18.20 14.76 2.42
CA ALA W 28 18.00 15.55 3.61
C ALA W 28 19.25 16.33 4.00
N GLN W 29 20.07 16.69 3.02
CA GLN W 29 21.31 17.38 3.32
C GLN W 29 21.05 18.86 3.62
N GLN X 1 -22.79 -32.80 -0.20
CA GLN X 1 -22.76 -32.01 -1.42
C GLN X 1 -22.30 -30.59 -1.15
N ALA X 2 -22.59 -30.09 0.04
CA ALA X 2 -22.22 -28.71 0.37
C ALA X 2 -20.72 -28.59 0.58
N GLU X 3 -20.18 -29.32 1.56
CA GLU X 3 -18.76 -29.23 1.84
C GLU X 3 -17.92 -30.04 0.87
N ILE X 4 -18.50 -31.08 0.28
CA ILE X 4 -17.75 -32.01 -0.56
C ILE X 4 -17.24 -31.32 -1.81
N LEU X 5 -18.08 -30.48 -2.42
CA LEU X 5 -17.62 -29.69 -3.54
C LEU X 5 -16.90 -28.43 -3.06
N ARG X 6 -17.11 -28.04 -1.80
CA ARG X 6 -16.39 -26.90 -1.26
C ARG X 6 -14.92 -27.22 -1.05
N ALA X 7 -14.62 -28.47 -0.71
CA ALA X 7 -13.26 -28.86 -0.36
C ALA X 7 -12.33 -28.83 -1.55
N TYR X 8 -12.86 -29.02 -2.76
CA TYR X 8 -12.02 -29.01 -3.95
C TYR X 8 -11.47 -27.62 -4.21
N ALA X 9 -12.19 -26.59 -3.77
CA ALA X 9 -11.68 -25.23 -3.85
C ALA X 9 -10.43 -25.08 -3.00
N ARG X 10 -10.42 -25.68 -1.81
CA ARG X 10 -9.21 -25.67 -0.99
C ARG X 10 -8.10 -26.49 -1.64
N ILE X 11 -8.47 -27.54 -2.36
CA ILE X 11 -7.47 -28.27 -3.15
C ILE X 11 -6.96 -27.39 -4.28
N LEU X 12 -7.89 -26.80 -5.04
CA LEU X 12 -7.48 -26.05 -6.22
C LEU X 12 -6.85 -24.71 -5.88
N GLU X 13 -7.06 -24.22 -4.66
CA GLU X 13 -6.39 -22.99 -4.24
C GLU X 13 -4.89 -23.18 -4.19
N ALA X 14 -4.45 -24.27 -3.55
CA ALA X 14 -3.02 -24.54 -3.42
C ALA X 14 -2.39 -24.92 -4.74
N ASP X 15 -3.18 -25.33 -5.73
CA ASP X 15 -2.64 -25.58 -7.05
C ASP X 15 -2.15 -24.31 -7.72
N ALA X 16 -2.74 -23.17 -7.37
CA ALA X 16 -2.24 -21.90 -7.89
C ALA X 16 -0.91 -21.54 -7.23
N LYS X 17 -0.76 -21.90 -5.96
CA LYS X 17 0.45 -21.53 -5.24
C LYS X 17 1.66 -22.29 -5.72
N ILE X 18 1.47 -23.43 -6.39
CA ILE X 18 2.57 -24.09 -7.07
C ILE X 18 3.07 -23.22 -8.20
N LEU X 19 2.16 -22.74 -9.03
CA LEU X 19 2.53 -22.25 -10.35
C LEU X 19 3.18 -20.89 -10.30
N GLU X 20 2.69 -19.99 -9.45
CA GLU X 20 3.38 -18.71 -9.28
C GLU X 20 4.73 -18.89 -8.62
N ALA X 21 4.85 -19.85 -7.71
CA ALA X 21 6.16 -20.21 -7.22
C ALA X 21 6.96 -20.92 -8.29
N HIS X 22 6.28 -21.70 -9.14
CA HIS X 22 6.97 -22.27 -10.29
C HIS X 22 7.33 -21.18 -11.29
N ALA X 23 6.63 -20.05 -11.26
CA ALA X 23 7.03 -18.91 -12.04
C ALA X 23 8.16 -18.11 -11.41
N GLU X 24 8.16 -17.98 -10.08
CA GLU X 24 9.15 -17.14 -9.41
C GLU X 24 10.53 -17.76 -9.50
N ILE X 25 10.58 -19.09 -9.66
CA ILE X 25 11.86 -19.77 -9.76
C ILE X 25 12.50 -19.51 -11.11
N LEU X 26 11.74 -19.11 -12.11
CA LEU X 26 12.33 -18.74 -13.37
C LEU X 26 12.75 -17.28 -13.39
N LYS X 27 12.22 -16.47 -12.47
CA LYS X 27 12.51 -15.04 -12.49
C LYS X 27 13.95 -14.77 -12.07
N ALA X 28 14.36 -15.34 -10.94
CA ALA X 28 15.73 -15.20 -10.49
C ALA X 28 16.63 -16.30 -11.03
N GLN X 29 16.19 -17.00 -12.08
CA GLN X 29 16.96 -18.10 -12.62
C GLN X 29 18.13 -17.59 -13.44
N GLN Y 1 -19.66 33.19 13.10
CA GLN Y 1 -20.32 33.16 11.81
C GLN Y 1 -19.57 32.31 10.80
N ALA Y 2 -18.28 32.59 10.65
CA ALA Y 2 -17.51 32.05 9.54
C ALA Y 2 -17.35 30.54 9.64
N GLU Y 3 -17.11 30.02 10.85
CA GLU Y 3 -17.02 28.58 11.01
C GLU Y 3 -18.40 27.93 11.01
N ILE Y 4 -19.41 28.66 11.49
CA ILE Y 4 -20.75 28.12 11.66
C ILE Y 4 -21.34 27.74 10.31
N LEU Y 5 -21.12 28.56 9.30
CA LEU Y 5 -21.59 28.22 7.97
C LEU Y 5 -20.65 27.21 7.31
N ARG Y 6 -19.39 27.14 7.74
CA ARG Y 6 -18.54 26.07 7.26
C ARG Y 6 -18.90 24.74 7.88
N ALA Y 7 -19.56 24.76 9.03
CA ALA Y 7 -19.92 23.52 9.69
C ALA Y 7 -20.97 22.74 8.91
N TYR Y 8 -21.89 23.45 8.24
CA TYR Y 8 -22.91 22.76 7.48
C TYR Y 8 -22.33 22.13 6.23
N ALA Y 9 -21.19 22.63 5.76
CA ALA Y 9 -20.50 22.00 4.65
C ALA Y 9 -20.05 20.60 5.02
N ARG Y 10 -19.52 20.43 6.23
CA ARG Y 10 -19.17 19.09 6.69
C ARG Y 10 -20.41 18.24 6.90
N ILE Y 11 -21.54 18.87 7.24
CA ILE Y 11 -22.80 18.13 7.30
C ILE Y 11 -23.23 17.73 5.92
N LEU Y 12 -23.28 18.68 4.99
CA LEU Y 12 -23.86 18.41 3.69
C LEU Y 12 -22.97 17.57 2.80
N GLU Y 13 -21.66 17.53 3.08
CA GLU Y 13 -20.82 16.56 2.39
C GLU Y 13 -21.23 15.15 2.72
N ALA Y 14 -21.60 14.91 3.99
CA ALA Y 14 -22.03 13.58 4.39
C ALA Y 14 -23.37 13.20 3.78
N ASP Y 15 -24.18 14.17 3.34
CA ASP Y 15 -25.43 13.83 2.69
C ASP Y 15 -25.18 13.23 1.31
N ALA Y 16 -24.04 13.54 0.70
CA ALA Y 16 -23.71 12.92 -0.57
C ALA Y 16 -23.42 11.44 -0.39
N LYS Y 17 -22.64 11.09 0.63
CA LYS Y 17 -22.17 9.73 0.81
C LYS Y 17 -23.30 8.77 1.16
N ILE Y 18 -24.40 9.28 1.70
CA ILE Y 18 -25.61 8.48 1.76
C ILE Y 18 -26.09 8.15 0.36
N LEU Y 19 -26.15 9.17 -0.48
CA LEU Y 19 -26.90 9.02 -1.72
C LEU Y 19 -26.08 8.35 -2.81
N GLU Y 20 -24.79 8.64 -2.88
CA GLU Y 20 -23.96 7.99 -3.90
C GLU Y 20 -23.76 6.51 -3.57
N ALA Y 21 -23.81 6.15 -2.30
CA ALA Y 21 -23.89 4.74 -1.96
C ALA Y 21 -25.29 4.20 -2.15
N HIS Y 22 -26.31 5.06 -2.07
CA HIS Y 22 -27.69 4.60 -2.20
C HIS Y 22 -27.98 4.12 -3.62
N ALA Y 23 -27.21 4.58 -4.59
CA ALA Y 23 -27.28 3.98 -5.92
C ALA Y 23 -26.59 2.64 -5.96
N GLU Y 24 -25.53 2.45 -5.17
CA GLU Y 24 -24.76 1.23 -5.26
C GLU Y 24 -25.52 0.04 -4.72
N ILE Y 25 -26.45 0.28 -3.79
CA ILE Y 25 -27.31 -0.80 -3.32
C ILE Y 25 -28.30 -1.19 -4.39
N LEU Y 26 -28.62 -0.29 -5.32
CA LEU Y 26 -29.45 -0.65 -6.45
C LEU Y 26 -28.61 -1.19 -7.59
N LYS Y 27 -27.30 -0.99 -7.54
CA LYS Y 27 -26.43 -1.32 -8.66
C LYS Y 27 -26.30 -2.82 -8.82
N ALA Y 28 -25.95 -3.51 -7.74
CA ALA Y 28 -25.88 -4.96 -7.75
C ALA Y 28 -27.13 -5.60 -7.17
N GLN Y 29 -28.25 -4.91 -7.23
CA GLN Y 29 -29.48 -5.44 -6.67
C GLN Y 29 -30.09 -6.49 -7.58
CA GLN Z 1 29.69 25.08 -10.69
C GLN Z 1 28.43 24.69 -11.42
N ALA Z 2 28.48 23.57 -12.15
CA ALA Z 2 27.29 23.06 -12.83
C ALA Z 2 26.27 22.56 -11.83
N GLU Z 3 26.72 22.05 -10.68
CA GLU Z 3 25.80 21.66 -9.63
C GLU Z 3 25.23 22.87 -8.90
N ILE Z 4 25.99 23.97 -8.85
CA ILE Z 4 25.55 25.18 -8.17
C ILE Z 4 24.30 25.75 -8.83
N LEU Z 5 24.30 25.79 -10.16
CA LEU Z 5 23.10 26.19 -10.87
C LEU Z 5 22.06 25.10 -10.83
N ARG Z 6 22.47 23.84 -10.68
CA ARG Z 6 21.50 22.77 -10.49
C ARG Z 6 20.86 22.83 -9.12
N ALA Z 7 21.58 23.38 -8.15
CA ALA Z 7 21.06 23.43 -6.78
C ALA Z 7 19.86 24.36 -6.64
N TYR Z 8 19.80 25.41 -7.45
CA TYR Z 8 18.70 26.36 -7.34
C TYR Z 8 17.41 25.75 -7.84
N ALA Z 9 17.52 24.72 -8.71
CA ALA Z 9 16.34 24.00 -9.14
C ALA Z 9 15.65 23.31 -7.98
N ARG Z 10 16.45 22.71 -7.07
CA ARG Z 10 15.88 22.13 -5.88
C ARG Z 10 15.31 23.21 -4.96
N ILE Z 11 15.91 24.40 -4.97
CA ILE Z 11 15.35 25.52 -4.23
C ILE Z 11 14.03 25.94 -4.85
N LEU Z 12 14.02 26.15 -6.16
CA LEU Z 12 12.84 26.67 -6.81
C LEU Z 12 11.75 25.64 -6.95
N GLU Z 13 12.07 24.35 -6.82
CA GLU Z 13 11.05 23.32 -6.89
C GLU Z 13 10.07 23.44 -5.74
N ALA Z 14 10.59 23.61 -4.52
CA ALA Z 14 9.74 23.71 -3.35
C ALA Z 14 8.94 24.99 -3.30
N ASP Z 15 9.35 26.01 -4.06
CA ASP Z 15 8.58 27.24 -4.14
C ASP Z 15 7.24 27.04 -4.81
N ALA Z 16 7.15 26.08 -5.72
CA ALA Z 16 5.85 25.72 -6.27
C ALA Z 16 4.99 25.02 -5.24
N LYS Z 17 5.61 24.22 -4.38
CA LYS Z 17 4.85 23.48 -3.38
C LYS Z 17 4.29 24.39 -2.30
N ILE Z 18 4.86 25.58 -2.13
CA ILE Z 18 4.24 26.57 -1.26
C ILE Z 18 2.90 27.00 -1.84
N LEU Z 19 2.91 27.37 -3.12
CA LEU Z 19 1.86 28.22 -3.66
C LEU Z 19 0.58 27.44 -3.92
N GLU Z 20 0.68 26.19 -4.39
CA GLU Z 20 -0.51 25.37 -4.51
C GLU Z 20 -1.07 25.00 -3.15
N ALA Z 21 -0.19 24.80 -2.18
CA ALA Z 21 -0.65 24.68 -0.80
C ALA Z 21 -1.15 26.02 -0.30
N HIS Z 22 -0.57 27.11 -0.77
CA HIS Z 22 -1.12 28.42 -0.47
C HIS Z 22 -2.40 28.66 -1.26
N ALA Z 23 -2.65 27.84 -2.27
CA ALA Z 23 -3.93 27.89 -2.96
C ALA Z 23 -4.95 26.96 -2.34
N GLU Z 24 -4.53 25.79 -1.85
CA GLU Z 24 -5.48 24.80 -1.38
C GLU Z 24 -6.16 25.24 -0.10
N ILE Z 25 -5.48 26.09 0.68
CA ILE Z 25 -6.08 26.70 1.85
C ILE Z 25 -7.25 27.60 1.47
N LEU Z 26 -7.14 28.31 0.36
CA LEU Z 26 -8.24 29.16 -0.06
C LEU Z 26 -9.38 28.37 -0.69
N LYS Z 27 -9.12 27.11 -1.07
CA LYS Z 27 -10.16 26.32 -1.71
C LYS Z 27 -11.23 25.91 -0.73
N ALA Z 28 -10.84 25.25 0.35
CA ALA Z 28 -11.78 24.85 1.37
C ALA Z 28 -11.94 25.90 2.46
N GLN Z 29 -11.64 27.15 2.14
CA GLN Z 29 -11.72 28.22 3.13
C GLN Z 29 -13.17 28.61 3.39
CA GLN AA 1 13.52 -24.69 -29.10
C GLN AA 1 12.56 -23.50 -29.12
N ALA AA 2 11.27 -23.78 -28.90
CA ALA AA 2 10.28 -22.71 -28.86
C ALA AA 2 10.49 -21.78 -27.68
N GLU AA 3 11.03 -22.30 -26.57
CA GLU AA 3 11.37 -21.44 -25.45
C GLU AA 3 12.66 -20.66 -25.72
N ILE AA 4 13.56 -21.24 -26.51
CA ILE AA 4 14.85 -20.60 -26.80
C ILE AA 4 14.62 -19.31 -27.56
N LEU AA 5 13.72 -19.33 -28.53
CA LEU AA 5 13.34 -18.11 -29.21
C LEU AA 5 12.48 -17.24 -28.30
N ARG AA 6 11.75 -17.86 -27.36
CA ARG AA 6 10.96 -17.08 -26.44
C ARG AA 6 11.82 -16.41 -25.38
N ALA AA 7 12.97 -16.98 -25.08
CA ALA AA 7 13.80 -16.47 -23.99
C ALA AA 7 14.44 -15.14 -24.32
N TYR AA 8 14.64 -14.86 -25.62
CA TYR AA 8 15.31 -13.63 -26.00
C TYR AA 8 14.42 -12.42 -25.76
N ALA AA 9 13.11 -12.64 -25.66
CA ALA AA 9 12.20 -11.57 -25.28
C ALA AA 9 12.51 -11.06 -23.89
N ARG AA 10 12.78 -11.96 -22.95
CA ARG AA 10 13.17 -11.54 -21.61
C ARG AA 10 14.52 -10.86 -21.61
N ILE AA 11 15.40 -11.23 -22.55
CA ILE AA 11 16.64 -10.48 -22.74
C ILE AA 11 16.33 -9.09 -23.28
N LEU AA 12 15.55 -9.04 -24.35
CA LEU AA 12 15.34 -7.78 -25.03
C LEU AA 12 14.39 -6.86 -24.28
N GLU AA 13 13.57 -7.41 -23.38
CA GLU AA 13 12.75 -6.55 -22.52
C GLU AA 13 13.63 -5.71 -21.61
N ALA AA 14 14.71 -6.31 -21.10
CA ALA AA 14 15.63 -5.58 -20.24
C ALA AA 14 16.42 -4.52 -20.99
N ASP AA 15 16.52 -4.64 -22.32
CA ASP AA 15 17.22 -3.62 -23.07
C ASP AA 15 16.44 -2.32 -23.12
N ALA AA 16 15.12 -2.39 -22.95
CA ALA AA 16 14.33 -1.19 -22.84
C ALA AA 16 14.63 -0.44 -21.54
N LYS AA 17 14.70 -1.17 -20.42
CA LYS AA 17 14.84 -0.55 -19.11
C LYS AA 17 16.18 0.12 -18.93
N ILE AA 18 17.19 -0.28 -19.69
CA ILE AA 18 18.40 0.54 -19.80
C ILE AA 18 18.06 1.88 -20.42
N LEU AA 19 17.36 1.84 -21.55
CA LEU AA 19 17.28 3.02 -22.38
C LEU AA 19 16.21 3.99 -21.89
N GLU AA 20 15.08 3.47 -21.40
CA GLU AA 20 14.05 4.37 -20.90
C GLU AA 20 14.46 5.04 -19.61
N ALA AA 21 15.34 4.41 -18.85
CA ALA AA 21 15.97 5.10 -17.75
C ALA AA 21 17.11 5.98 -18.22
N HIS AA 22 17.70 5.66 -19.37
CA HIS AA 22 18.84 6.44 -19.86
C HIS AA 22 18.40 7.82 -20.29
N ALA AA 23 17.12 8.00 -20.61
CA ALA AA 23 16.60 9.34 -20.78
C ALA AA 23 16.41 10.06 -19.47
N GLU AA 24 16.09 9.32 -18.40
CA GLU AA 24 15.81 9.97 -17.13
C GLU AA 24 17.05 10.55 -16.51
N ILE AA 25 18.23 10.01 -16.83
CA ILE AA 25 19.46 10.59 -16.35
C ILE AA 25 19.75 11.90 -17.07
N LEU AA 26 19.19 12.10 -18.25
CA LEU AA 26 19.29 13.39 -18.92
C LEU AA 26 18.16 14.31 -18.52
N LYS AA 27 17.11 13.75 -17.91
CA LYS AA 27 15.90 14.51 -17.64
C LYS AA 27 16.13 15.56 -16.56
N ALA AA 28 16.68 15.13 -15.43
CA ALA AA 28 17.04 16.04 -14.36
C ALA AA 28 18.51 16.41 -14.39
N GLN AA 29 19.14 16.30 -15.55
CA GLN AA 29 20.56 16.58 -15.65
C GLN AA 29 20.84 18.08 -15.63
N GLN BA 1 -36.86 -16.52 -5.43
CA GLN BA 1 -36.48 -16.22 -6.80
C GLN BA 1 -35.61 -14.98 -6.86
N ALA BA 2 -35.62 -14.20 -5.79
CA ALA BA 2 -34.82 -12.98 -5.76
C ALA BA 2 -33.34 -13.29 -5.70
N GLU BA 3 -32.93 -14.09 -4.72
CA GLU BA 3 -31.52 -14.44 -4.59
C GLU BA 3 -31.13 -15.58 -5.53
N ILE BA 4 -32.10 -16.42 -5.88
CA ILE BA 4 -31.82 -17.64 -6.65
C ILE BA 4 -31.31 -17.29 -8.04
N LEU BA 5 -31.95 -16.32 -8.67
CA LEU BA 5 -31.45 -15.86 -9.96
C LEU BA 5 -30.32 -14.86 -9.77
N ARG BA 6 -30.20 -14.27 -8.58
CA ARG BA 6 -29.07 -13.40 -8.30
C ARG BA 6 -27.78 -14.17 -8.18
N ALA BA 7 -27.86 -15.42 -7.73
CA ALA BA 7 -26.68 -16.22 -7.50
C ALA BA 7 -25.99 -16.60 -8.79
N TYR BA 8 -26.73 -16.70 -9.90
CA TYR BA 8 -26.12 -17.08 -11.17
C TYR BA 8 -25.23 -15.97 -11.70
N ALA BA 9 -25.50 -14.73 -11.28
CA ALA BA 9 -24.62 -13.62 -11.63
C ALA BA 9 -23.23 -13.82 -11.02
N ARG BA 10 -23.18 -14.28 -9.78
CA ARG BA 10 -21.89 -14.61 -9.18
C ARG BA 10 -21.25 -15.80 -9.86
N ILE BA 11 -22.06 -16.73 -10.37
CA ILE BA 11 -21.52 -17.81 -11.17
C ILE BA 11 -20.97 -17.28 -12.48
N LEU BA 12 -21.77 -16.48 -13.18
CA LEU BA 12 -21.37 -16.03 -14.50
C LEU BA 12 -20.31 -14.95 -14.46
N GLU BA 13 -20.12 -14.30 -13.30
CA GLU BA 13 -19.07 -13.29 -13.18
C GLU BA 13 -17.70 -13.92 -13.33
N ALA BA 14 -17.48 -15.06 -12.67
CA ALA BA 14 -16.18 -15.72 -12.72
C ALA BA 14 -15.90 -16.33 -14.08
N ASP BA 15 -16.92 -16.56 -14.90
CA ASP BA 15 -16.69 -17.06 -16.24
C ASP BA 15 -15.97 -16.05 -17.12
N ALA BA 16 -16.16 -14.76 -16.86
CA ALA BA 16 -15.36 -13.76 -17.55
C ALA BA 16 -13.92 -13.82 -17.11
N LYS BA 17 -13.68 -14.09 -15.82
CA LYS BA 17 -12.33 -14.13 -15.30
C LYS BA 17 -11.55 -15.33 -15.82
N ILE BA 18 -12.23 -16.37 -16.28
CA ILE BA 18 -11.54 -17.44 -16.98
C ILE BA 18 -10.97 -16.92 -18.28
N LEU BA 19 -11.80 -16.25 -19.06
CA LEU BA 19 -11.52 -16.12 -20.49
C LEU BA 19 -10.45 -15.07 -20.77
N GLU BA 20 -10.45 -13.96 -20.04
CA GLU BA 20 -9.35 -13.02 -20.18
C GLU BA 20 -8.05 -13.60 -19.65
N ALA BA 21 -8.13 -14.40 -18.60
CA ALA BA 21 -6.97 -15.17 -18.19
C ALA BA 21 -6.67 -16.25 -19.21
N HIS BA 22 -7.70 -16.79 -19.85
CA HIS BA 22 -7.46 -17.68 -20.98
C HIS BA 22 -6.99 -16.92 -22.20
N ALA BA 23 -7.12 -15.60 -22.20
CA ALA BA 23 -6.54 -14.77 -23.24
C ALA BA 23 -5.14 -14.31 -22.90
N GLU BA 24 -4.87 -14.02 -21.63
CA GLU BA 24 -3.58 -13.44 -21.27
C GLU BA 24 -2.46 -14.43 -21.45
N ILE BA 25 -2.77 -15.73 -21.34
CA ILE BA 25 -1.78 -16.76 -21.61
C ILE BA 25 -1.36 -16.75 -23.07
N LEU BA 26 -2.28 -16.51 -23.99
CA LEU BA 26 -1.92 -16.47 -25.39
C LEU BA 26 -1.22 -15.17 -25.76
N LYS BA 27 -1.29 -14.16 -24.89
CA LYS BA 27 -0.62 -12.90 -25.19
C LYS BA 27 0.88 -13.03 -25.09
N ALA BA 28 1.38 -13.47 -23.95
CA ALA BA 28 2.80 -13.67 -23.77
C ALA BA 28 3.23 -15.08 -24.15
N GLN BA 29 2.46 -15.77 -24.97
CA GLN BA 29 2.81 -17.12 -25.36
C GLN BA 29 3.94 -17.13 -26.37
N GLN CA 1 -15.57 39.98 5.05
CA GLN CA 1 -16.38 39.91 3.84
C GLN CA 1 -15.74 39.03 2.79
N ALA CA 2 -14.41 38.92 2.84
CA ALA CA 2 -13.70 38.14 1.84
C ALA CA 2 -13.96 36.65 2.02
N GLU CA 3 -13.74 36.15 3.24
CA GLU CA 3 -13.96 34.73 3.50
C GLU CA 3 -15.43 34.43 3.75
N ILE CA 4 -16.18 35.41 4.25
CA ILE CA 4 -17.57 35.22 4.65
C ILE CA 4 -18.41 34.88 3.44
N LEU CA 5 -18.17 35.56 2.33
CA LEU CA 5 -18.87 35.21 1.10
C LEU CA 5 -18.17 34.05 0.40
N ARG CA 6 -16.90 33.81 0.72
CA ARG CA 6 -16.23 32.65 0.16
C ARG CA 6 -16.73 31.36 0.77
N ALA CA 7 -17.24 31.42 1.99
CA ALA CA 7 -17.68 30.22 2.67
C ALA CA 7 -18.93 29.63 2.03
N TYR CA 8 -19.75 30.47 1.41
CA TYR CA 8 -20.97 29.97 0.76
C TYR CA 8 -20.64 29.15 -0.47
N ALA CA 9 -19.47 29.41 -1.07
CA ALA CA 9 -19.02 28.57 -2.18
C ALA CA 9 -18.78 27.15 -1.72
N ARG CA 10 -18.13 26.99 -0.56
CA ARG CA 10 -17.95 25.65 0.01
C ARG CA 10 -19.28 25.03 0.41
N ILE CA 11 -20.26 25.86 0.78
CA ILE CA 11 -21.61 25.37 1.01
C ILE CA 11 -22.21 24.92 -0.32
N LEU CA 12 -22.21 25.81 -1.29
CA LEU CA 12 -22.94 25.55 -2.52
C LEU CA 12 -22.25 24.53 -3.41
N GLU CA 13 -20.96 24.26 -3.19
CA GLU CA 13 -20.30 23.20 -3.92
C GLU CA 13 -20.89 21.85 -3.58
N ALA CA 14 -21.05 21.57 -2.29
CA ALA CA 14 -21.63 20.31 -1.86
C ALA CA 14 -23.12 20.20 -2.17
N ASP CA 15 -23.77 21.33 -2.44
CA ASP CA 15 -25.16 21.27 -2.88
C ASP CA 15 -25.27 20.62 -4.25
N ALA CA 16 -24.25 20.76 -5.08
CA ALA CA 16 -24.25 20.06 -6.35
C ALA CA 16 -24.05 18.56 -6.17
N LYS CA 17 -23.23 18.16 -5.19
CA LYS CA 17 -22.90 16.76 -5.00
C LYS CA 17 -24.08 15.95 -4.52
N ILE CA 18 -25.07 16.59 -3.93
CA ILE CA 18 -26.36 15.95 -3.73
C ILE CA 18 -26.96 15.57 -5.07
N LEU CA 19 -27.03 16.54 -5.98
CA LEU CA 19 -27.92 16.43 -7.12
C LEU CA 19 -27.34 15.52 -8.19
N GLU CA 20 -26.02 15.60 -8.43
CA GLU CA 20 -25.41 14.69 -9.39
C GLU CA 20 -25.42 13.27 -8.89
N ALA CA 21 -25.38 13.08 -7.58
CA ALA CA 21 -25.67 11.77 -7.02
C ALA CA 21 -27.15 11.48 -7.03
N HIS CA 22 -27.99 12.51 -6.95
CA HIS CA 22 -29.43 12.29 -6.92
C HIS CA 22 -29.93 11.82 -8.29
N ALA CA 23 -29.15 12.03 -9.33
CA ALA CA 23 -29.46 11.40 -10.60
C ALA CA 23 -28.97 9.97 -10.65
N GLU CA 24 -27.87 9.67 -9.96
CA GLU CA 24 -27.27 8.35 -10.08
C GLU CA 24 -28.12 7.28 -9.43
N ILE CA 25 -28.89 7.65 -8.40
CA ILE CA 25 -29.86 6.71 -7.85
C ILE CA 25 -31.00 6.49 -8.84
N LEU CA 26 -31.41 7.52 -9.56
CA LEU CA 26 -32.41 7.34 -10.60
C LEU CA 26 -31.81 6.73 -11.85
N LYS CA 27 -30.48 6.67 -11.95
CA LYS CA 27 -29.83 6.17 -13.15
C LYS CA 27 -29.99 4.67 -13.29
N ALA CA 28 -29.49 3.91 -12.31
CA ALA CA 28 -29.63 2.47 -12.32
C ALA CA 28 -30.85 2.01 -11.55
N GLN CA 29 -31.89 2.84 -11.50
CA GLN CA 29 -33.10 2.49 -10.77
C GLN CA 29 -33.92 1.46 -11.53
CA GLN DA 1 29.64 22.77 -21.31
C GLN DA 1 28.26 22.49 -21.91
N ALA DA 2 28.14 21.35 -22.58
CA ALA DA 2 26.85 20.96 -23.15
C ALA DA 2 25.83 20.66 -22.07
N GLU DA 3 26.28 20.20 -20.90
CA GLU DA 3 25.38 20.04 -19.78
C GLU DA 3 25.09 21.36 -19.09
N ILE DA 4 26.04 22.30 -19.14
CA ILE DA 4 25.86 23.60 -18.51
C ILE DA 4 24.72 24.36 -19.15
N LEU DA 5 24.67 24.34 -20.48
CA LEU DA 5 23.52 24.92 -21.17
C LEU DA 5 22.29 24.04 -21.00
N ARG DA 6 22.49 22.74 -20.79
CA ARG DA 6 21.36 21.86 -20.51
C ARG DA 6 20.83 22.08 -19.11
N ALA DA 7 21.69 22.56 -18.20
CA ALA DA 7 21.31 22.71 -16.80
C ALA DA 7 20.24 23.77 -16.60
N TYR DA 8 20.22 24.81 -17.45
CA TYR DA 8 19.24 25.88 -17.26
C TYR DA 8 17.85 25.42 -17.63
N ALA DA 9 17.75 24.34 -18.40
CA ALA DA 9 16.44 23.77 -18.71
C ALA DA 9 15.76 23.26 -17.46
N ARG DA 10 16.52 22.62 -16.57
CA ARG DA 10 15.96 22.21 -15.29
C ARG DA 10 15.62 23.43 -14.43
N ILE DA 11 16.40 24.49 -14.56
CA ILE DA 11 16.08 25.74 -13.87
C ILE DA 11 14.80 26.33 -14.41
N LEU DA 12 14.72 26.46 -15.73
CA LEU DA 12 13.59 27.12 -16.34
C LEU DA 12 12.33 26.27 -16.32
N GLU DA 13 12.47 24.96 -16.14
CA GLU DA 13 11.29 24.11 -16.05
C GLU DA 13 10.48 24.44 -14.81
N ALA DA 14 11.15 24.58 -13.66
CA ALA DA 14 10.45 24.88 -12.43
C ALA DA 14 9.92 26.30 -12.38
N ASP DA 15 10.44 27.18 -13.24
CA ASP DA 15 9.89 28.53 -13.32
C ASP DA 15 8.48 28.55 -13.86
N ALA DA 16 8.13 27.58 -14.70
CA ALA DA 16 6.74 27.48 -15.13
C ALA DA 16 5.85 26.96 -14.01
N LYS DA 17 6.41 26.13 -13.14
CA LYS DA 17 5.61 25.55 -12.07
C LYS DA 17 5.23 26.58 -11.03
N ILE DA 18 5.96 27.69 -10.94
CA ILE DA 18 5.52 28.80 -10.13
C ILE DA 18 4.24 29.37 -10.68
N LEU DA 19 4.23 29.68 -11.97
CA LEU DA 19 3.28 30.63 -12.52
C LEU DA 19 1.88 30.04 -12.66
N GLU DA 20 1.77 28.78 -13.08
CA GLU DA 20 0.46 28.14 -13.09
C GLU DA 20 -0.05 27.93 -11.67
N ALA DA 21 0.84 27.64 -10.74
CA ALA DA 21 0.45 27.64 -9.33
C ALA DA 21 0.19 29.06 -8.86
N HIS DA 22 0.91 30.03 -9.43
CA HIS DA 22 0.58 31.43 -9.15
C HIS DA 22 -0.70 31.84 -9.84
N ALA DA 23 -1.21 31.02 -10.77
CA ALA DA 23 -2.52 31.26 -11.33
C ALA DA 23 -3.61 30.52 -10.58
N GLU DA 24 -3.30 29.33 -10.04
CA GLU DA 24 -4.34 28.53 -9.41
C GLU DA 24 -4.81 29.16 -8.11
N ILE DA 25 -3.94 29.94 -7.46
CA ILE DA 25 -4.33 30.68 -6.28
C ILE DA 25 -5.36 31.75 -6.63
N LEU DA 26 -5.21 32.38 -7.78
CA LEU DA 26 -6.18 33.39 -8.17
C LEU DA 26 -7.47 32.79 -8.69
N LYS DA 27 -7.48 31.48 -8.98
CA LYS DA 27 -8.68 30.85 -9.49
C LYS DA 27 -9.72 30.68 -8.39
N ALA DA 28 -9.35 30.00 -7.32
CA ALA DA 28 -10.25 29.82 -6.20
C ALA DA 28 -10.17 30.95 -5.18
N GLN DA 29 -9.69 32.12 -5.59
CA GLN DA 29 -9.53 33.24 -4.69
C GLN DA 29 -10.86 33.88 -4.36
CA GLN EA 1 4.27 -24.73 -34.91
C GLN EA 1 3.51 -23.41 -34.95
N ALA EA 2 2.22 -23.47 -34.62
CA ALA EA 2 1.40 -22.26 -34.59
C ALA EA 2 1.85 -21.32 -33.48
N GLU EA 3 2.40 -21.86 -32.39
CA GLU EA 3 2.98 -21.02 -31.35
C GLU EA 3 4.34 -20.49 -31.76
N ILE EA 4 5.09 -21.27 -32.56
CA ILE EA 4 6.42 -20.88 -32.99
C ILE EA 4 6.36 -19.62 -33.84
N LEU EA 5 5.39 -19.56 -34.73
CA LEU EA 5 5.16 -18.33 -35.48
C LEU EA 5 4.53 -17.27 -34.59
N ARG EA 6 3.80 -17.69 -33.55
CA ARG EA 6 3.21 -16.72 -32.63
C ARG EA 6 4.25 -16.12 -31.71
N ALA EA 7 5.31 -16.87 -31.40
CA ALA EA 7 6.27 -16.41 -30.41
C ALA EA 7 7.12 -15.26 -30.92
N TYR EA 8 7.23 -15.11 -32.25
CA TYR EA 8 8.04 -14.03 -32.80
C TYR EA 8 7.40 -12.68 -32.56
N ALA EA 9 6.08 -12.66 -32.34
CA ALA EA 9 5.41 -11.42 -31.98
C ALA EA 9 5.92 -10.91 -30.64
N ARG EA 10 6.08 -11.81 -29.66
CA ARG EA 10 6.63 -11.42 -28.37
C ARG EA 10 8.08 -10.97 -28.51
N ILE EA 11 8.81 -11.52 -29.48
CA ILE EA 11 10.11 -10.98 -29.81
C ILE EA 11 9.97 -9.59 -30.40
N LEU EA 12 9.12 -9.47 -31.43
CA LEU EA 12 9.05 -8.23 -32.17
C LEU EA 12 8.33 -7.13 -31.43
N GLU EA 13 7.54 -7.47 -30.40
CA GLU EA 13 6.91 -6.44 -29.60
C GLU EA 13 7.94 -5.63 -28.85
N ALA EA 14 8.88 -6.31 -28.20
CA ALA EA 14 9.93 -5.63 -27.46
C ALA EA 14 10.93 -4.91 -28.35
N ASP EA 15 10.96 -5.24 -29.64
CA ASP EA 15 11.79 -4.50 -30.57
C ASP EA 15 11.28 -3.09 -30.74
N ALA EA 16 9.98 -2.88 -30.60
CA ALA EA 16 9.44 -1.53 -30.63
C ALA EA 16 9.83 -0.76 -29.37
N LYS EA 17 9.87 -1.44 -28.22
CA LYS EA 17 10.11 -0.76 -26.96
C LYS EA 17 11.53 -0.24 -26.85
N ILE EA 18 12.45 -0.80 -27.63
CA ILE EA 18 13.74 -0.15 -27.82
C ILE EA 18 13.55 1.21 -28.45
N LEU EA 19 12.82 1.24 -29.56
CA LEU EA 19 12.88 2.38 -30.46
C LEU EA 19 12.09 3.57 -29.93
N GLU EA 20 10.91 3.31 -29.34
CA GLU EA 20 10.14 4.40 -28.75
C GLU EA 20 10.85 4.96 -27.52
N ALA EA 21 11.61 4.14 -26.83
CA ALA EA 21 12.52 4.67 -25.83
C ALA EA 21 13.75 5.28 -26.47
N HIS EA 22 14.15 4.80 -27.64
CA HIS EA 22 15.34 5.34 -28.29
C HIS EA 22 15.09 6.75 -28.80
N ALA EA 23 13.83 7.13 -28.96
CA ALA EA 23 13.53 8.52 -29.21
C ALA EA 23 13.53 9.35 -27.95
N GLU EA 24 13.16 8.73 -26.81
CA GLU EA 24 13.00 9.50 -25.58
C GLU EA 24 14.34 9.98 -25.05
N ILE EA 25 15.42 9.25 -25.32
CA ILE EA 25 16.73 9.76 -24.97
C ILE EA 25 17.11 10.92 -25.87
N LEU EA 26 16.71 10.88 -27.14
CA LEU EA 26 16.93 12.03 -28.01
C LEU EA 26 15.92 13.13 -27.76
N LYS EA 27 14.86 12.85 -27.00
CA LYS EA 27 13.81 13.83 -26.77
C LYS EA 27 14.28 14.94 -25.85
N ALA EA 28 14.69 14.58 -24.64
CA ALA EA 28 15.19 15.56 -23.70
C ALA EA 28 16.71 15.66 -23.74
N GLN EA 29 17.30 15.42 -24.91
CA GLN EA 29 18.74 15.46 -25.04
C GLN EA 29 19.24 16.89 -25.08
N GLN FA 1 -42.04 -7.24 -8.21
CA GLN FA 1 -41.73 -7.11 -9.62
C GLN FA 1 -40.69 -6.03 -9.84
N ALA FA 2 -40.43 -5.24 -8.80
CA ALA FA 2 -39.43 -4.18 -8.92
C ALA FA 2 -38.03 -4.77 -8.99
N GLU FA 3 -37.63 -5.52 -7.97
CA GLU FA 3 -36.30 -6.10 -7.96
C GLU FA 3 -36.21 -7.34 -8.84
N ILE FA 4 -37.34 -8.03 -9.03
CA ILE FA 4 -37.34 -9.31 -9.74
C ILE FA 4 -36.95 -9.12 -11.19
N LEU FA 5 -37.43 -8.04 -11.80
CA LEU FA 5 -36.99 -7.73 -13.15
C LEU FA 5 -35.69 -6.94 -13.12
N ARG FA 6 -35.36 -6.32 -11.99
CA ARG FA 6 -34.06 -5.68 -11.85
C ARG FA 6 -32.95 -6.71 -11.75
N ALA FA 7 -33.28 -7.90 -11.26
CA ALA FA 7 -32.27 -8.94 -11.06
C ALA FA 7 -31.71 -9.46 -12.37
N TYR FA 8 -32.52 -9.46 -13.43
CA TYR FA 8 -32.02 -9.97 -14.71
C TYR FA 8 -31.03 -9.00 -15.34
N ALA FA 9 -31.09 -7.73 -14.94
CA ALA FA 9 -30.11 -6.76 -15.40
C ALA FA 9 -28.72 -7.12 -14.88
N ARG FA 10 -28.62 -7.55 -13.63
CA ARG FA 10 -27.34 -8.03 -13.12
C ARG FA 10 -26.93 -9.33 -13.79
N ILE FA 11 -27.91 -10.14 -14.18
CA ILE FA 11 -27.62 -11.34 -14.95
C ILE FA 11 -27.10 -10.96 -16.32
N LEU FA 12 -27.82 -10.09 -17.01
CA LEU FA 12 -27.47 -9.77 -18.38
C LEU FA 12 -26.25 -8.86 -18.47
N GLU FA 13 -25.89 -8.18 -17.39
CA GLU FA 13 -24.69 -7.36 -17.41
C GLU FA 13 -23.45 -8.22 -17.57
N ALA FA 14 -23.37 -9.32 -16.82
CA ALA FA 14 -22.21 -10.19 -16.91
C ALA FA 14 -22.17 -10.97 -18.20
N ASP FA 15 -23.29 -11.08 -18.90
CA ASP FA 15 -23.30 -11.74 -20.21
C ASP FA 15 -22.51 -10.96 -21.24
N ALA FA 16 -22.44 -9.64 -21.09
CA ALA FA 16 -21.58 -8.87 -21.98
C ALA FA 16 -20.11 -9.10 -21.67
N LYS FA 17 -19.80 -9.33 -20.40
CA LYS FA 17 -18.41 -9.50 -19.99
C LYS FA 17 -17.82 -10.81 -20.50
N ILE FA 18 -18.67 -11.78 -20.84
CA ILE FA 18 -18.20 -12.96 -21.53
C ILE FA 18 -17.67 -12.58 -22.91
N LEU FA 19 -18.49 -11.85 -23.67
CA LEU FA 19 -18.33 -11.81 -25.11
C LEU FA 19 -17.16 -10.95 -25.54
N GLU FA 20 -16.95 -9.81 -24.88
CA GLU FA 20 -15.75 -9.02 -25.17
C GLU FA 20 -14.50 -9.74 -24.72
N ALA FA 21 -14.58 -10.48 -23.62
CA ALA FA 21 -13.49 -11.36 -23.26
C ALA FA 21 -13.42 -12.53 -24.21
N HIS FA 22 -14.57 -12.96 -24.74
CA HIS FA 22 -14.56 -13.97 -25.79
C HIS FA 22 -14.07 -13.37 -27.10
N ALA FA 23 -13.99 -12.05 -27.20
CA ALA FA 23 -13.36 -11.41 -28.33
C ALA FA 23 -11.88 -11.15 -28.12
N GLU FA 24 -11.48 -10.86 -26.88
CA GLU FA 24 -10.08 -10.49 -26.63
C GLU FA 24 -9.16 -11.68 -26.82
N ILE FA 25 -9.67 -12.89 -26.60
CA ILE FA 25 -8.90 -14.09 -26.86
C ILE FA 25 -8.60 -14.25 -28.34
N LEU FA 26 -9.54 -13.90 -29.20
CA LEU FA 26 -9.27 -14.00 -30.63
C LEU FA 26 -8.41 -12.87 -31.14
N LYS FA 27 -8.23 -11.81 -30.34
CA LYS FA 27 -7.42 -10.69 -30.79
C LYS FA 27 -5.94 -11.06 -30.78
N ALA FA 28 -5.44 -11.52 -29.64
CA ALA FA 28 -4.05 -11.94 -29.55
C ALA FA 28 -3.87 -13.41 -29.88
N GLN FA 29 -4.81 -14.00 -30.61
CA GLN FA 29 -4.73 -15.40 -30.95
C GLN FA 29 -3.71 -15.65 -32.05
N GLN GA 1 -11.35 45.76 -3.01
CA GLN GA 1 -12.24 45.78 -4.16
C GLN GA 1 -11.96 44.65 -5.14
N ALA GA 2 -10.67 44.42 -5.40
CA ALA GA 2 -10.28 43.53 -6.49
C ALA GA 2 -10.64 42.08 -6.19
N GLU GA 3 -10.36 41.61 -4.98
CA GLU GA 3 -10.70 40.24 -4.64
C GLU GA 3 -12.17 40.08 -4.32
N ILE GA 4 -12.79 41.14 -3.80
CA ILE GA 4 -14.18 41.08 -3.33
C ILE GA 4 -15.13 40.81 -4.48
N LEU GA 5 -14.83 41.37 -5.64
CA LEU GA 5 -15.63 41.05 -6.81
C LEU GA 5 -15.19 39.74 -7.43
N ARG GA 6 -13.94 39.32 -7.21
CA ARG GA 6 -13.54 38.00 -7.66
C ARG GA 6 -14.14 36.91 -6.80
N ALA GA 7 -14.54 37.26 -5.57
CA ALA GA 7 -15.14 36.26 -4.69
C ALA GA 7 -16.50 35.82 -5.20
N TYR GA 8 -17.24 36.70 -5.85
CA TYR GA 8 -18.55 36.31 -6.37
C TYR GA 8 -18.42 35.40 -7.57
N ALA GA 9 -17.26 35.44 -8.24
CA ALA GA 9 -17.02 34.51 -9.33
C ALA GA 9 -16.99 33.08 -8.81
N ARG GA 10 -16.30 32.84 -7.70
CA ARG GA 10 -16.29 31.50 -7.10
C ARG GA 10 -17.66 31.12 -6.58
N ILE GA 11 -18.47 32.10 -6.17
CA ILE GA 11 -19.87 31.83 -5.88
C ILE GA 11 -20.60 31.43 -7.16
N LEU GA 12 -20.52 32.30 -8.17
CA LEU GA 12 -21.34 32.11 -9.36
C LEU GA 12 -20.85 30.97 -10.23
N GLU GA 13 -19.58 30.57 -10.10
CA GLU GA 13 -19.13 29.38 -10.80
C GLU GA 13 -19.88 28.15 -10.32
N ALA GA 14 -19.96 27.97 -9.00
CA ALA GA 14 -20.69 26.86 -8.43
C ALA GA 14 -22.20 27.00 -8.60
N ASP GA 15 -22.68 28.20 -8.90
CA ASP GA 15 -24.10 28.39 -9.14
C ASP GA 15 -24.56 27.70 -10.41
N ALA GA 16 -23.65 27.48 -11.36
CA ALA GA 16 -23.99 26.70 -12.53
C ALA GA 16 -24.07 25.22 -12.20
N LYS GA 17 -23.25 24.75 -11.26
CA LYS GA 17 -23.11 23.33 -11.00
C LYS GA 17 -24.36 22.71 -10.40
N ILE GA 18 -25.23 23.53 -9.80
CA ILE GA 18 -26.58 23.07 -9.54
C ILE GA 18 -27.26 22.72 -10.85
N LEU GA 19 -27.29 23.69 -11.75
CA LEU GA 19 -28.26 23.68 -12.84
C LEU GA 19 -27.88 22.68 -13.92
N GLU GA 20 -26.58 22.58 -14.24
CA GLU GA 20 -26.15 21.57 -15.19
C GLU GA 20 -26.32 20.17 -14.64
N ALA GA 21 -26.26 20.02 -13.32
CA ALA GA 21 -26.69 18.78 -12.72
C ALA GA 21 -28.20 18.71 -12.57
N HIS GA 22 -28.88 19.86 -12.45
CA HIS GA 22 -30.32 19.85 -12.20
C HIS GA 22 -31.08 19.47 -13.46
N ALA GA 23 -30.40 19.44 -14.61
CA ALA GA 23 -30.94 18.80 -15.79
C ALA GA 23 -30.62 17.33 -15.84
N GLU GA 24 -29.49 16.91 -15.25
CA GLU GA 24 -29.09 15.51 -15.32
C GLU GA 24 -30.02 14.62 -14.52
N ILE GA 25 -30.63 15.15 -13.47
CA ILE GA 25 -31.68 14.42 -12.79
C ILE GA 25 -32.91 14.31 -13.69
N LEU GA 26 -33.21 15.34 -14.47
CA LEU GA 26 -34.30 15.26 -15.41
C LEU GA 26 -33.93 14.46 -16.63
N LYS GA 27 -32.64 14.16 -16.80
CA LYS GA 27 -32.18 13.47 -18.01
C LYS GA 27 -32.61 12.02 -18.03
N ALA GA 28 -32.19 11.25 -17.03
CA ALA GA 28 -32.57 9.85 -16.93
C ALA GA 28 -33.76 9.66 -16.01
N GLN GA 29 -34.62 10.66 -15.91
CA GLN GA 29 -35.78 10.57 -15.04
C GLN GA 29 -36.82 9.63 -15.59
CA GLN HA 1 28.13 19.65 -31.69
C GLN HA 1 26.68 19.62 -32.15
N ALA HA 2 26.26 18.47 -32.69
CA ALA HA 2 24.87 18.31 -33.10
C ALA HA 2 23.93 18.29 -31.90
N GLU HA 3 24.40 17.80 -30.76
CA GLU HA 3 23.60 17.88 -29.54
C GLU HA 3 23.59 19.28 -28.96
N ILE HA 4 24.65 20.06 -29.19
CA ILE HA 4 24.74 21.41 -28.66
C ILE HA 4 23.63 22.27 -29.24
N LEU HA 5 23.41 22.15 -30.55
CA LEU HA 5 22.27 22.83 -31.14
C LEU HA 5 20.97 22.16 -30.77
N ARG HA 6 21.00 20.86 -30.47
CA ARG HA 6 19.79 20.19 -29.98
C ARG HA 6 19.47 20.61 -28.56
N ALA HA 7 20.48 21.02 -27.79
CA ALA HA 7 20.27 21.37 -26.39
C ALA HA 7 19.44 22.63 -26.24
N TYR HA 8 19.54 23.58 -27.18
CA TYR HA 8 18.79 24.82 -27.05
C TYR HA 8 17.31 24.60 -27.29
N ALA HA 9 16.96 23.50 -27.97
CA ALA HA 9 15.56 23.14 -28.12
C ALA HA 9 14.93 22.85 -26.76
N ARG HA 10 15.64 22.13 -25.90
CA ARG HA 10 15.15 21.90 -24.55
C ARG HA 10 15.13 23.19 -23.74
N ILE HA 11 16.03 24.12 -24.05
CA ILE HA 11 15.99 25.44 -23.43
C ILE HA 11 14.76 26.19 -23.91
N LEU HA 12 14.58 26.25 -25.23
CA LEU HA 12 13.52 27.07 -25.78
C LEU HA 12 12.15 26.44 -25.61
N GLU HA 13 12.09 25.14 -25.35
CA GLU HA 13 10.80 24.51 -25.11
C GLU HA 13 10.17 25.03 -23.84
N ALA HA 14 10.97 25.17 -22.78
CA ALA HA 14 10.47 25.67 -21.51
C ALA HA 14 10.08 27.14 -21.57
N ASP HA 15 10.59 27.88 -22.55
CA ASP HA 15 10.20 29.26 -22.72
C ASP HA 15 8.75 29.39 -23.14
N ALA HA 16 8.22 28.38 -23.84
CA ALA HA 16 6.79 28.40 -24.17
C ALA HA 16 5.95 28.16 -22.93
N LYS HA 17 6.44 27.33 -22.01
CA LYS HA 17 5.67 26.99 -20.83
C LYS HA 17 5.57 28.16 -19.86
N ILE HA 18 6.48 29.12 -19.95
CA ILE HA 18 6.32 30.34 -19.18
C ILE HA 18 5.12 31.12 -19.67
N LEU HA 19 5.04 31.32 -20.98
CA LEU HA 19 4.23 32.38 -21.53
C LEU HA 19 2.74 32.05 -21.50
N GLU HA 20 2.38 30.80 -21.80
CA GLU HA 20 0.99 30.41 -21.64
C GLU HA 20 0.58 30.40 -20.16
N ALA HA 21 1.52 30.03 -19.28
CA ALA HA 21 1.27 30.20 -17.87
C ALA HA 21 1.29 31.68 -17.50
N HIS HA 22 2.09 32.48 -18.21
CA HIS HA 22 2.01 33.92 -18.04
C HIS HA 22 0.73 34.47 -18.65
N ALA HA 23 0.06 33.68 -19.49
CA ALA HA 23 -1.25 34.05 -19.96
C ALA HA 23 -2.36 33.46 -19.12
N GLU HA 24 -2.14 32.29 -18.53
CA GLU HA 24 -3.20 31.65 -17.76
C GLU HA 24 -3.49 32.40 -16.48
N ILE HA 25 -2.47 33.08 -15.94
CA ILE HA 25 -2.69 33.97 -14.81
C ILE HA 25 -3.55 35.14 -15.21
N LEU HA 26 -3.42 35.62 -16.45
CA LEU HA 26 -4.22 36.73 -16.92
C LEU HA 26 -5.65 36.32 -17.19
N LYS HA 27 -5.92 35.03 -17.33
CA LYS HA 27 -7.27 34.58 -17.68
C LYS HA 27 -8.20 34.69 -16.49
N ALA HA 28 -7.86 34.04 -15.38
CA ALA HA 28 -8.71 34.07 -14.20
C ALA HA 28 -8.34 35.20 -13.27
N GLN HA 29 -7.71 36.25 -13.78
CA GLN HA 29 -7.30 37.37 -12.95
C GLN HA 29 -8.48 38.24 -12.59
CA GLN IA 1 -5.45 -23.82 -39.99
C GLN IA 1 -5.99 -22.39 -40.07
N ALA IA 2 -7.23 -22.21 -39.61
CA ALA IA 2 -7.82 -20.88 -39.60
C ALA IA 2 -7.11 -19.95 -38.64
N GLU IA 3 -6.57 -20.49 -37.55
CA GLU IA 3 -5.77 -19.68 -36.63
C GLU IA 3 -4.37 -19.45 -37.17
N ILE IA 4 -3.84 -20.44 -37.90
CA ILE IA 4 -2.50 -20.33 -38.48
C ILE IA 4 -2.43 -19.16 -39.45
N LEU IA 5 -3.46 -19.03 -40.28
CA LEU IA 5 -3.54 -17.89 -41.17
C LEU IA 5 -3.93 -16.64 -40.40
N ARG IA 6 -4.55 -16.80 -39.23
CA ARG IA 6 -4.89 -15.65 -38.40
C ARG IA 6 -3.71 -15.15 -37.61
N ALA IA 7 -2.75 -16.03 -37.30
CA ALA IA 7 -1.67 -15.70 -36.38
C ALA IA 7 -0.70 -14.69 -36.98
N TYR IA 8 -0.64 -14.59 -38.31
CA TYR IA 8 0.31 -13.67 -38.93
C TYR IA 8 -0.12 -12.24 -38.74
N ALA IA 9 -1.38 -12.00 -38.40
CA ALA IA 9 -1.82 -10.66 -38.05
C ALA IA 9 -1.10 -10.16 -36.82
N ARG IA 10 -1.00 -10.99 -35.78
CA ARG IA 10 -0.30 -10.61 -34.56
C ARG IA 10 1.18 -10.40 -34.81
N ILE IA 11 1.75 -11.10 -35.80
CA ILE IA 11 3.05 -10.72 -36.32
C ILE IA 11 2.99 -9.36 -36.97
N LEU IA 12 2.09 -9.21 -37.94
CA LEU IA 12 2.10 -8.02 -38.78
C LEU IA 12 1.55 -6.81 -38.07
N GLU IA 13 0.76 -6.99 -37.00
CA GLU IA 13 0.35 -5.84 -36.20
C GLU IA 13 1.56 -5.19 -35.55
N ALA IA 14 2.42 -5.99 -34.93
CA ALA IA 14 3.63 -5.46 -34.32
C ALA IA 14 4.65 -5.00 -35.34
N ASP IA 15 4.51 -5.41 -36.59
CA ASP IA 15 5.42 -4.95 -37.63
C ASP IA 15 5.24 -3.48 -37.92
N ALA IA 16 4.05 -2.94 -37.65
CA ALA IA 16 3.86 -1.50 -37.76
C ALA IA 16 4.54 -0.76 -36.62
N LYS IA 17 4.57 -1.37 -35.43
CA LYS IA 17 5.03 -0.68 -34.23
C LYS IA 17 6.51 -0.37 -34.25
N ILE IA 18 7.28 -1.07 -35.09
CA ILE IA 18 8.60 -0.58 -35.42
C ILE IA 18 8.49 0.76 -36.11
N LEU IA 19 7.73 0.79 -37.20
CA LEU IA 19 7.85 1.85 -38.19
C LEU IA 19 7.22 3.14 -37.72
N GLU IA 20 6.07 3.06 -37.05
CA GLU IA 20 5.45 4.25 -36.49
C GLU IA 20 6.29 4.82 -35.36
N ALA IA 21 7.05 3.98 -34.68
CA ALA IA 21 8.08 4.48 -33.78
C ALA IA 21 9.34 4.86 -34.53
N HIS IA 22 9.62 4.22 -35.67
CA HIS IA 22 10.88 4.46 -36.36
C HIS IA 22 10.87 5.81 -37.06
N ALA IA 23 9.70 6.45 -37.13
CA ALA IA 23 9.64 7.86 -37.49
C ALA IA 23 9.78 8.76 -36.27
N GLU IA 24 9.34 8.31 -35.11
CA GLU IA 24 9.38 9.15 -33.93
C GLU IA 24 10.79 9.44 -33.48
N ILE IA 25 11.72 8.51 -33.73
CA ILE IA 25 13.12 8.80 -33.52
C ILE IA 25 13.61 9.85 -34.50
N LEU IA 26 13.12 9.81 -35.73
CA LEU IA 26 13.45 10.84 -36.70
C LEU IA 26 12.70 12.13 -36.43
N LYS IA 27 11.67 12.08 -35.58
CA LYS IA 27 10.81 13.25 -35.38
C LYS IA 27 11.52 14.31 -34.57
N ALA IA 28 11.95 13.98 -33.35
CA ALA IA 28 12.70 14.90 -32.53
C ALA IA 28 14.20 14.70 -32.67
N GLN IA 29 14.64 14.26 -33.84
CA GLN IA 29 16.05 14.00 -34.07
C GLN IA 29 16.84 15.29 -34.17
N GLN JA 1 -45.81 2.21 -11.20
CA GLN JA 1 -45.83 2.51 -12.62
C GLN JA 1 -44.63 3.32 -13.03
N ALA JA 2 -44.14 4.16 -12.12
CA ALA JA 2 -43.03 5.03 -12.43
C ALA JA 2 -41.74 4.24 -12.56
N GLU JA 3 -41.38 3.49 -11.52
CA GLU JA 3 -40.14 2.72 -11.56
C GLU JA 3 -40.28 1.43 -12.33
N ILE JA 4 -41.51 0.90 -12.40
CA ILE JA 4 -41.74 -0.41 -13.01
C ILE JA 4 -41.43 -0.37 -14.49
N LEU JA 5 -41.82 0.71 -15.15
CA LEU JA 5 -41.45 0.88 -16.54
C LEU JA 5 -40.05 1.46 -16.66
N ARG JA 6 -39.54 2.07 -15.58
CA ARG JA 6 -38.17 2.56 -15.61
C ARG JA 6 -37.17 1.42 -15.57
N ALA JA 7 -37.56 0.31 -14.94
CA ALA JA 7 -36.64 -0.80 -14.74
C ALA JA 7 -36.29 -1.50 -16.05
N TYR JA 8 -37.19 -1.46 -17.04
CA TYR JA 8 -36.91 -2.14 -18.29
C TYR JA 8 -35.84 -1.42 -19.09
N ALA JA 9 -35.65 -0.13 -18.80
CA ALA JA 9 -34.54 0.60 -19.40
C ALA JA 9 -33.20 0.02 -18.98
N ARG JA 10 -33.07 -0.31 -17.69
CA ARG JA 10 -31.85 -0.99 -17.24
C ARG JA 10 -31.76 -2.39 -17.81
N ILE JA 11 -32.90 -3.02 -18.08
CA ILE JA 11 -32.89 -4.31 -18.77
C ILE JA 11 -32.43 -4.12 -20.20
N LEU JA 12 -33.04 -3.18 -20.91
CA LEU JA 12 -32.77 -3.03 -22.32
C LEU JA 12 -31.42 -2.38 -22.58
N GLU JA 13 -30.86 -1.68 -21.59
CA GLU JA 13 -29.54 -1.09 -21.77
C GLU JA 13 -28.49 -2.16 -21.95
N ALA JA 14 -28.59 -3.24 -21.18
CA ALA JA 14 -27.62 -4.33 -21.27
C ALA JA 14 -27.75 -5.09 -22.58
N ASP JA 15 -28.89 -5.02 -23.24
CA ASP JA 15 -29.05 -5.66 -24.54
C ASP JA 15 -28.19 -5.01 -25.60
N ALA JA 16 -27.90 -3.71 -25.46
CA ALA JA 16 -26.98 -3.06 -26.38
C ALA JA 16 -25.57 -3.56 -26.19
N LYS JA 17 -25.19 -3.83 -24.94
CA LYS JA 17 -23.83 -4.24 -24.65
C LYS JA 17 -23.54 -5.65 -25.12
N ILE JA 18 -24.58 -6.45 -25.35
CA ILE JA 18 -24.38 -7.74 -25.98
C ILE JA 18 -23.94 -7.56 -27.42
N LEU JA 19 -24.67 -6.74 -28.15
CA LEU JA 19 -24.65 -6.82 -29.60
C LEU JA 19 -23.38 -6.21 -30.19
N GLU JA 20 -22.92 -5.09 -29.64
CA GLU JA 20 -21.63 -4.57 -30.09
C GLU JA 20 -20.49 -5.50 -29.69
N ALA JA 21 -20.60 -6.14 -28.53
CA ALA JA 21 -19.66 -7.20 -28.19
C ALA JA 21 -19.90 -8.41 -29.06
N HIS JA 22 -21.14 -8.65 -29.47
CA HIS JA 22 -21.40 -9.67 -30.46
C HIS JA 22 -20.91 -9.25 -31.83
N ALA JA 23 -20.65 -7.96 -32.02
CA ALA JA 23 -20.00 -7.48 -33.22
C ALA JA 23 -18.50 -7.39 -33.08
N GLU JA 24 -18.00 -7.11 -31.87
CA GLU JA 24 -16.56 -6.94 -31.70
C GLU JA 24 -15.83 -8.24 -31.88
N ILE JA 25 -16.48 -9.36 -31.55
CA ILE JA 25 -15.93 -10.67 -31.86
C ILE JA 25 -15.85 -10.87 -33.36
N LEU JA 26 -16.81 -10.35 -34.12
CA LEU JA 26 -16.78 -10.49 -35.56
C LEU JA 26 -15.72 -9.61 -36.20
N LYS JA 27 -15.23 -8.61 -35.48
CA LYS JA 27 -14.25 -7.69 -36.07
C LYS JA 27 -12.89 -8.35 -36.19
N ALA JA 28 -12.35 -8.82 -35.08
CA ALA JA 28 -11.04 -9.44 -35.08
C ALA JA 28 -11.11 -10.94 -35.28
N GLN JA 29 -12.18 -11.43 -35.88
CA GLN JA 29 -12.34 -12.87 -36.08
C GLN JA 29 -11.45 -13.37 -37.21
N GLN KA 1 -7.07 49.95 -12.28
CA GLN KA 1 -8.01 50.04 -13.39
C GLN KA 1 -7.84 48.90 -14.37
N ALA KA 2 -6.62 48.37 -14.43
CA ALA KA 2 -6.35 47.30 -15.38
C ALA KA 2 -7.03 46.00 -14.96
N GLU KA 3 -6.81 45.57 -13.72
CA GLU KA 3 -7.41 44.34 -13.25
C GLU KA 3 -8.86 44.52 -12.85
N ILE KA 4 -9.23 45.72 -12.42
CA ILE KA 4 -10.57 46.00 -11.93
C ILE KA 4 -11.58 45.84 -13.04
N LEU KA 5 -11.23 46.28 -14.24
CA LEU KA 5 -12.06 46.01 -15.40
C LEU KA 5 -11.99 44.54 -15.79
N ARG KA 6 -10.83 43.90 -15.61
CA ARG KA 6 -10.72 42.49 -15.96
C ARG KA 6 -11.44 41.61 -14.95
N ALA KA 7 -11.69 42.12 -13.75
CA ALA KA 7 -12.36 41.33 -12.74
C ALA KA 7 -13.81 41.06 -13.12
N TYR KA 8 -14.46 42.00 -13.79
CA TYR KA 8 -15.85 41.79 -14.18
C TYR KA 8 -15.96 40.77 -15.31
N ALA KA 9 -14.87 40.56 -16.05
CA ALA KA 9 -14.87 39.54 -17.09
C ALA KA 9 -15.02 38.16 -16.48
N ARG KA 10 -14.34 37.90 -15.36
CA ARG KA 10 -14.51 36.62 -14.69
C ARG KA 10 -15.89 36.50 -14.08
N ILE KA 11 -16.53 37.61 -13.75
CA ILE KA 11 -17.93 37.57 -13.35
C ILE KA 11 -18.81 37.23 -14.55
N LEU KA 12 -18.67 38.01 -15.61
CA LEU KA 12 -19.59 37.88 -16.73
C LEU KA 12 -19.36 36.61 -17.54
N GLU KA 13 -18.18 35.99 -17.43
CA GLU KA 13 -18.02 34.67 -18.03
C GLU KA 13 -18.93 33.66 -17.36
N ALA KA 14 -18.94 33.63 -16.03
CA ALA KA 14 -19.78 32.71 -15.30
C ALA KA 14 -21.26 33.06 -15.39
N ASP KA 15 -21.58 34.28 -15.81
CA ASP KA 15 -22.97 34.63 -16.04
C ASP KA 15 -23.53 33.89 -17.23
N ALA KA 16 -22.69 33.53 -18.19
CA ALA KA 16 -23.15 32.70 -19.30
C ALA KA 16 -23.41 31.28 -18.86
N LYS KA 17 -22.58 30.75 -17.96
CA LYS KA 17 -22.66 29.34 -17.59
C LYS KA 17 -23.93 29.01 -16.82
N ILE KA 18 -24.57 30.02 -16.22
CA ILE KA 18 -25.94 29.86 -15.77
C ILE KA 18 -26.82 29.55 -16.97
N LEU KA 19 -26.76 30.41 -17.97
CA LEU KA 19 -27.81 30.47 -18.98
C LEU KA 19 -27.71 29.34 -19.98
N GLU KA 20 -26.49 28.98 -20.39
CA GLU KA 20 -26.32 27.87 -21.32
C GLU KA 20 -26.69 26.55 -20.68
N ALA KA 21 -26.56 26.45 -19.36
CA ALA KA 21 -27.17 25.34 -18.66
C ALA KA 21 -28.65 25.57 -18.44
N HIS KA 22 -29.09 26.82 -18.35
CA HIS KA 22 -30.49 27.09 -18.06
C HIS KA 22 -31.38 26.77 -19.24
N ALA KA 23 -30.79 26.59 -20.42
CA ALA KA 23 -31.54 26.00 -21.52
C ALA KA 23 -31.42 24.49 -21.53
N GLU KA 24 -30.35 23.94 -20.95
CA GLU KA 24 -30.20 22.49 -20.92
C GLU KA 24 -31.21 21.84 -20.01
N ILE KA 25 -31.70 22.57 -19.02
CA ILE KA 25 -32.80 22.07 -18.22
C ILE KA 25 -34.10 22.11 -19.03
N LEU KA 26 -34.21 23.02 -19.98
CA LEU KA 26 -35.36 23.05 -20.86
C LEU KA 26 -35.22 22.02 -21.98
N LYS KA 27 -34.04 21.42 -22.13
CA LYS KA 27 -33.83 20.43 -23.17
C LYS KA 27 -34.58 19.15 -22.85
N ALA KA 28 -34.43 18.65 -21.63
CA ALA KA 28 -35.23 17.54 -21.14
C ALA KA 28 -36.36 18.02 -20.25
N GLN KA 29 -36.97 19.16 -20.58
CA GLN KA 29 -38.10 19.74 -19.85
C GLN KA 29 -39.27 18.77 -19.75
CA GLN LA 1 25.42 16.24 -41.63
C GLN LA 1 23.96 16.44 -41.98
N ALA LA 2 23.29 15.36 -42.40
CA ALA LA 2 21.87 15.44 -42.69
C ALA LA 2 21.06 15.65 -41.42
N GLU LA 3 21.56 15.20 -40.28
CA GLU LA 3 20.92 15.51 -39.02
C GLU LA 3 21.15 16.94 -38.58
N ILE LA 4 22.28 17.53 -38.99
CA ILE LA 4 22.60 18.90 -38.63
C ILE LA 4 21.60 19.85 -39.25
N LEU LA 5 21.23 19.60 -40.50
CA LEU LA 5 20.13 20.33 -41.10
C LEU LA 5 18.81 19.92 -40.47
N ARG LA 6 18.68 18.67 -40.04
CA ARG LA 6 17.45 18.22 -39.42
C ARG LA 6 17.28 18.81 -38.02
N ALA LA 7 18.39 19.09 -37.34
CA ALA LA 7 18.32 19.57 -35.97
C ALA LA 7 17.73 20.97 -35.88
N TYR LA 8 17.93 21.80 -36.89
CA TYR LA 8 17.42 23.16 -36.84
C TYR LA 8 15.91 23.17 -36.97
N ALA LA 9 15.34 22.12 -37.57
CA ALA LA 9 13.90 21.99 -37.60
C ALA LA 9 13.33 21.84 -36.20
N ARG LA 10 14.04 21.11 -35.33
CA ARG LA 10 13.62 21.03 -33.94
C ARG LA 10 13.79 22.35 -33.23
N ILE LA 11 14.77 23.16 -33.65
CA ILE LA 11 14.92 24.49 -33.09
C ILE LA 11 13.77 25.39 -33.51
N LEU LA 12 13.53 25.46 -34.81
CA LEU LA 12 12.50 26.33 -35.33
C LEU LA 12 11.10 25.85 -35.01
N GLU LA 13 10.93 24.56 -34.67
CA GLU LA 13 9.62 24.09 -34.24
C GLU LA 13 9.22 24.75 -32.94
N ALA LA 14 10.17 24.86 -32.00
CA ALA LA 14 9.88 25.52 -30.74
C ALA LA 14 9.72 27.02 -30.89
N ASP LA 15 10.25 27.60 -31.97
CA ASP LA 15 10.11 29.03 -32.18
C ASP LA 15 8.68 29.42 -32.50
N ALA LA 16 7.89 28.50 -33.03
CA ALA LA 16 6.47 28.79 -33.24
C ALA LA 16 5.73 28.84 -31.90
N LYS LA 17 6.07 27.94 -30.98
CA LYS LA 17 5.34 27.82 -29.74
C LYS LA 17 5.54 29.01 -28.82
N ILE LA 18 6.63 29.75 -29.01
CA ILE LA 18 6.78 31.02 -28.31
C ILE LA 18 5.71 31.99 -28.77
N LEU LA 19 5.59 32.17 -30.08
CA LEU LA 19 4.93 33.34 -30.61
C LEU LA 19 3.42 33.24 -30.50
N GLU LA 20 2.87 32.06 -30.76
CA GLU LA 20 1.42 31.87 -30.59
C GLU LA 20 1.02 32.02 -29.13
N ALA LA 21 1.87 31.57 -28.21
CA ALA LA 21 1.62 31.86 -26.82
C ALA LA 21 1.87 33.32 -26.53
N HIS LA 22 2.84 33.92 -27.22
CA HIS LA 22 3.12 35.34 -27.02
C HIS LA 22 1.99 36.20 -27.56
N ALA LA 23 1.20 35.65 -28.48
CA ALA LA 23 -0.05 36.30 -28.86
C ALA LA 23 -1.24 35.79 -28.07
N GLU LA 24 -1.12 34.61 -27.44
CA GLU LA 24 -2.21 34.13 -26.59
C GLU LA 24 -2.33 34.99 -25.36
N ILE LA 25 -1.22 35.57 -24.90
CA ILE LA 25 -1.25 36.49 -23.78
C ILE LA 25 -1.91 37.80 -24.17
N LEU LA 26 -1.99 38.09 -25.46
CA LEU LA 26 -2.70 39.28 -25.92
C LEU LA 26 -4.20 39.05 -25.98
N LYS LA 27 -4.64 37.80 -25.87
CA LYS LA 27 -6.08 37.53 -25.91
C LYS LA 27 -6.74 37.96 -24.62
N ALA LA 28 -6.13 37.63 -23.49
CA ALA LA 28 -6.57 38.14 -22.21
C ALA LA 28 -5.73 39.32 -21.76
N GLN LA 29 -5.29 40.16 -22.70
CA GLN LA 29 -4.53 41.37 -22.41
C GLN LA 29 -5.33 42.33 -21.55
CA GLN MA 1 -15.09 -21.43 -44.44
C GLN MA 1 -15.39 -19.95 -44.58
N ALA MA 2 -16.54 -19.52 -44.06
CA ALA MA 2 -16.90 -18.11 -44.09
C ALA MA 2 -15.97 -17.28 -43.22
N GLU MA 3 -15.42 -17.87 -42.15
CA GLU MA 3 -14.43 -17.18 -41.36
C GLU MA 3 -13.07 -17.15 -42.06
N ILE MA 4 -12.79 -18.16 -42.88
CA ILE MA 4 -11.50 -18.23 -43.60
C ILE MA 4 -11.38 -17.08 -44.57
N LEU MA 5 -12.47 -16.78 -45.28
CA LEU MA 5 -12.50 -15.57 -46.07
C LEU MA 5 -12.52 -14.33 -45.19
N ARG MA 6 -13.15 -14.43 -44.01
CA ARG MA 6 -13.21 -13.28 -43.11
C ARG MA 6 -11.86 -13.02 -42.45
N ALA MA 7 -11.03 -14.06 -42.32
CA ALA MA 7 -9.78 -13.91 -41.59
C ALA MA 7 -8.77 -13.07 -42.36
N TYR MA 8 -8.88 -13.02 -43.68
CA TYR MA 8 -7.90 -12.28 -44.47
C TYR MA 8 -8.08 -10.78 -44.31
N ALA MA 9 -9.26 -10.36 -43.86
CA ALA MA 9 -9.49 -8.96 -43.54
C ALA MA 9 -8.57 -8.51 -42.41
N ARG MA 10 -8.41 -9.35 -41.39
CA ARG MA 10 -7.50 -9.02 -40.29
C ARG MA 10 -6.05 -9.02 -40.77
N ILE MA 11 -5.73 -9.80 -41.79
CA ILE MA 11 -4.42 -9.70 -42.41
C ILE MA 11 -4.28 -8.39 -43.15
N LEU MA 12 -5.21 -8.13 -44.08
CA LEU MA 12 -5.08 -6.98 -44.95
C LEU MA 12 -5.34 -5.66 -44.24
N GLU MA 13 -6.00 -5.68 -43.08
CA GLU MA 13 -6.11 -4.46 -42.30
C GLU MA 13 -4.75 -4.00 -41.83
N ALA MA 14 -3.96 -4.92 -41.26
CA ALA MA 14 -2.63 -4.59 -40.79
C ALA MA 14 -1.66 -4.33 -41.93
N ASP MA 15 -2.00 -4.75 -43.15
CA ASP MA 15 -1.16 -4.42 -44.29
C ASP MA 15 -1.20 -2.94 -44.60
N ALA MA 16 -2.29 -2.27 -44.25
CA ALA MA 16 -2.33 -0.82 -44.39
C ALA MA 16 -1.45 -0.14 -43.35
N LYS MA 17 -1.44 -0.67 -42.11
CA LYS MA 17 -0.76 0.00 -41.01
C LYS MA 17 0.75 0.01 -41.19
N ILE MA 18 1.29 -0.90 -42.00
CA ILE MA 18 2.65 -0.72 -42.49
C ILE MA 18 2.74 0.57 -43.28
N LEU MA 19 1.88 0.70 -44.27
CA LEU MA 19 2.11 1.67 -45.34
C LEU MA 19 1.77 3.09 -44.90
N GLU MA 20 0.70 3.26 -44.13
CA GLU MA 20 0.35 4.58 -43.64
C GLU MA 20 1.36 5.10 -42.64
N ALA MA 21 2.04 4.21 -41.94
CA ALA MA 21 3.21 4.62 -41.19
C ALA MA 21 4.43 4.73 -42.09
N HIS MA 22 4.47 3.97 -43.20
CA HIS MA 22 5.64 3.99 -44.05
C HIS MA 22 5.76 5.29 -44.82
N ALA MA 23 4.69 6.06 -44.88
CA ALA MA 23 4.80 7.44 -45.34
C ALA MA 23 5.15 8.39 -44.20
N GLU MA 24 4.81 8.03 -42.97
CA GLU MA 24 5.11 8.90 -41.84
C GLU MA 24 6.59 8.97 -41.57
N ILE MA 25 7.33 7.92 -41.95
CA ILE MA 25 8.77 8.01 -41.89
C ILE MA 25 9.32 8.92 -42.99
N LEU MA 26 8.58 9.05 -44.09
CA LEU MA 26 8.97 9.99 -45.13
C LEU MA 26 8.52 11.40 -44.79
N LYS MA 27 7.69 11.55 -43.76
CA LYS MA 27 7.22 12.87 -43.36
C LYS MA 27 8.34 13.68 -42.74
N ALA MA 28 9.06 13.08 -41.80
CA ALA MA 28 10.27 13.67 -41.26
C ALA MA 28 11.52 13.05 -41.87
N GLN MA 29 11.48 12.73 -43.15
CA GLN MA 29 12.60 12.16 -43.90
C GLN MA 29 13.85 13.04 -43.84
N GLN NA 1 -48.21 12.49 -14.64
CA GLN NA 1 -48.19 12.47 -16.10
C GLN NA 1 -46.91 13.09 -16.64
N ALA NA 2 -46.27 13.92 -15.81
CA ALA NA 2 -45.05 14.59 -16.23
C ALA NA 2 -43.90 13.61 -16.37
N GLU NA 3 -43.69 12.78 -15.34
CA GLU NA 3 -42.62 11.80 -15.41
C GLU NA 3 -43.05 10.52 -16.12
N ILE NA 4 -44.35 10.21 -16.07
CA ILE NA 4 -44.85 8.97 -16.65
C ILE NA 4 -44.70 8.99 -18.16
N LEU NA 5 -44.96 10.14 -18.76
CA LEU NA 5 -44.63 10.31 -20.17
C LEU NA 5 -43.14 10.45 -20.38
N ARG NA 6 -42.42 10.99 -19.39
CA ARG NA 6 -40.99 11.18 -19.54
C ARG NA 6 -40.25 9.86 -19.45
N ALA NA 7 -40.81 8.90 -18.72
CA ALA NA 7 -40.14 7.62 -18.52
C ALA NA 7 -40.06 6.82 -19.80
N TYR NA 8 -41.02 6.97 -20.71
CA TYR NA 8 -40.98 6.22 -21.96
C TYR NA 8 -39.88 6.74 -22.86
N ALA NA 9 -39.48 7.99 -22.68
CA ALA NA 9 -38.34 8.52 -23.42
C ALA NA 9 -37.07 7.79 -23.05
N ARG NA 10 -36.91 7.45 -21.78
CA ARG NA 10 -35.77 6.63 -21.38
C ARG NA 10 -35.87 5.22 -21.93
N ILE NA 11 -37.09 4.73 -22.12
CA ILE NA 11 -37.27 3.42 -22.74
C ILE NA 11 -36.89 3.47 -24.20
N LEU NA 12 -37.45 4.42 -24.94
CA LEU NA 12 -37.20 4.51 -26.36
C LEU NA 12 -35.78 4.98 -26.68
N GLU NA 13 -35.10 5.63 -25.74
CA GLU NA 13 -33.71 6.01 -25.96
C GLU NA 13 -32.84 4.78 -26.11
N ALA NA 14 -33.09 3.76 -25.28
CA ALA NA 14 -32.32 2.53 -25.37
C ALA NA 14 -32.69 1.73 -26.61
N ASP NA 15 -33.86 1.97 -27.19
CA ASP NA 15 -34.26 1.23 -28.38
C ASP NA 15 -33.43 1.61 -29.59
N ALA NA 16 -32.86 2.80 -29.60
CA ALA NA 16 -31.96 3.17 -30.69
C ALA NA 16 -30.66 2.39 -30.60
N LYS NA 17 -30.15 2.20 -29.39
CA LYS NA 17 -28.84 1.59 -29.21
C LYS NA 17 -28.83 0.12 -29.56
N ILE NA 18 -30.00 -0.52 -29.55
CA ILE NA 18 -30.09 -1.87 -30.07
C ILE NA 18 -29.83 -1.88 -31.55
N LEU NA 19 -30.51 -0.99 -32.27
CA LEU NA 19 -30.63 -1.15 -33.70
C LEU NA 19 -29.38 -0.73 -34.45
N GLU NA 20 -28.72 0.33 -34.00
CA GLU NA 20 -27.45 0.72 -34.60
C GLU NA 20 -26.38 -0.32 -34.34
N ALA NA 21 -26.41 -0.95 -33.17
CA ALA NA 21 -25.53 -2.08 -32.93
C ALA NA 21 -25.98 -3.28 -33.74
N HIS NA 22 -27.30 -3.41 -33.95
CA HIS NA 22 -27.80 -4.48 -34.79
C HIS NA 22 -27.40 -4.28 -36.24
N ALA NA 23 -27.14 -3.04 -36.64
CA ALA NA 23 -26.54 -2.80 -37.93
C ALA NA 23 -25.03 -2.75 -37.87
N GLU NA 24 -24.45 -2.49 -36.70
CA GLU NA 24 -22.99 -2.50 -36.60
C GLU NA 24 -22.45 -3.91 -36.75
N ILE NA 25 -23.25 -4.91 -36.35
CA ILE NA 25 -22.87 -6.29 -36.55
C ILE NA 25 -22.94 -6.67 -38.01
N LEU NA 26 -23.69 -5.93 -38.82
CA LEU NA 26 -23.73 -6.17 -40.24
C LEU NA 26 -22.55 -5.55 -40.95
N LYS NA 27 -21.79 -4.69 -40.28
CA LYS NA 27 -20.64 -4.08 -40.92
C LYS NA 27 -19.50 -5.09 -41.05
N ALA NA 28 -19.25 -5.85 -40.00
CA ALA NA 28 -18.33 -6.97 -40.06
C ALA NA 28 -19.06 -8.29 -40.25
N GLN NA 29 -20.18 -8.29 -40.98
CA GLN NA 29 -20.94 -9.49 -41.30
C GLN NA 29 -20.10 -10.50 -42.07
#